data_1VHC
#
_entry.id   1VHC
#
_cell.length_a   77.271
_cell.length_b   133.227
_cell.length_c   89.733
_cell.angle_alpha   90.00
_cell.angle_beta   105.82
_cell.angle_gamma   90.00
#
_symmetry.space_group_name_H-M   'P 1 21 1'
#
loop_
_entity.id
_entity.type
_entity.pdbx_description
1 polymer 'Putative KHG/KDPG aldolase'
2 water water
#
_entity_poly.entity_id   1
_entity_poly.type   'polypeptide(L)'
_entity_poly.pdbx_seq_one_letter_code
;(MSE)SLSYTTQQIIEKLRELKIVPVIALDNADDILPLADTLAKNGLSVAEITFRSEAAADAIRLLRANRPDFLIAAGTV
LTAEQVVLAKSSGADFVVTPGLNPKIVKLCQDLNFPITPGVNNP(MSE)AIEIALE(MSE)GISAVKFFPAEASGGVK
(MSE)IKALLGPYAQLQI(MSE)PTGGIGLHNIRDYLAIPNIVACGGSWFVEKKLIQSNNWDEIGRLVREVIDIIKEGGS
HHHHHH
;
_entity_poly.pdbx_strand_id   A,B,C,D,E,F
#
# COMPACT_ATOMS: atom_id res chain seq x y z
N SER A 4 13.61 -11.51 28.71
CA SER A 4 12.99 -10.89 27.49
C SER A 4 12.85 -9.38 27.66
N TYR A 5 13.92 -8.70 27.32
CA TYR A 5 14.00 -7.25 27.43
C TYR A 5 13.10 -6.56 26.43
N THR A 6 12.59 -5.38 26.79
CA THR A 6 11.76 -4.62 25.85
C THR A 6 12.77 -3.87 24.96
N THR A 7 12.30 -3.30 23.86
CA THR A 7 13.21 -2.53 23.00
C THR A 7 13.95 -1.42 23.74
N GLN A 8 13.27 -0.65 24.60
CA GLN A 8 13.95 0.44 25.30
C GLN A 8 14.92 -0.06 26.35
N GLN A 9 14.67 -1.17 27.01
CA GLN A 9 15.70 -1.70 27.94
C GLN A 9 16.96 -2.09 27.18
N ILE A 10 16.79 -2.66 25.97
CA ILE A 10 17.94 -3.05 25.13
C ILE A 10 18.69 -1.79 24.78
N ILE A 11 17.99 -0.76 24.32
CA ILE A 11 18.61 0.51 23.97
C ILE A 11 19.42 1.02 25.15
N GLU A 12 18.88 1.00 26.37
CA GLU A 12 19.69 1.49 27.50
C GLU A 12 20.87 0.60 27.80
N LYS A 13 20.72 -0.72 27.68
CA LYS A 13 21.90 -1.59 27.86
C LYS A 13 22.95 -1.29 26.84
N LEU A 14 22.56 -0.99 25.59
CA LEU A 14 23.56 -0.65 24.58
C LEU A 14 24.27 0.65 24.91
N ARG A 15 23.51 1.58 25.49
CA ARG A 15 24.10 2.87 25.90
C ARG A 15 25.24 2.74 26.89
N GLU A 16 25.29 1.76 27.75
CA GLU A 16 26.42 1.52 28.64
C GLU A 16 27.61 0.90 27.90
N LEU A 17 27.29 0.03 26.91
CA LEU A 17 28.32 -0.67 26.16
C LEU A 17 28.99 0.18 25.15
N LYS A 18 28.28 0.98 24.36
CA LYS A 18 28.84 1.88 23.38
C LYS A 18 29.48 1.27 22.15
N ILE A 19 29.95 0.03 22.17
CA ILE A 19 30.57 -0.57 20.95
C ILE A 19 30.05 -1.98 20.82
N VAL A 20 29.58 -2.33 19.60
CA VAL A 20 29.04 -3.71 19.41
C VAL A 20 29.86 -4.48 18.39
N PRO A 21 30.45 -5.63 18.75
CA PRO A 21 31.16 -6.43 17.81
C PRO A 21 30.18 -7.05 16.77
N VAL A 22 30.53 -6.98 15.52
CA VAL A 22 29.70 -7.56 14.43
C VAL A 22 30.48 -8.78 13.92
N ILE A 23 29.95 -9.96 14.25
CA ILE A 23 30.65 -11.21 14.05
C ILE A 23 30.17 -12.09 12.91
N ALA A 24 31.06 -12.41 11.99
CA ALA A 24 30.77 -13.35 10.89
C ALA A 24 31.53 -14.65 11.20
N LEU A 25 30.86 -15.77 11.28
CA LEU A 25 31.53 -17.04 11.60
C LEU A 25 31.37 -18.11 10.51
N ASP A 26 32.42 -18.86 10.22
CA ASP A 26 32.35 -20.01 9.31
C ASP A 26 32.03 -21.27 10.11
N ASN A 27 32.41 -21.22 11.41
CA ASN A 27 32.25 -22.38 12.28
C ASN A 27 31.53 -21.90 13.55
N ALA A 28 30.30 -22.31 13.76
CA ALA A 28 29.50 -21.93 14.90
C ALA A 28 30.15 -22.23 16.26
N ASP A 29 30.89 -23.33 16.44
CA ASP A 29 31.56 -23.62 17.68
C ASP A 29 32.57 -22.55 18.12
N ASP A 30 33.11 -21.73 17.23
CA ASP A 30 34.00 -20.64 17.61
C ASP A 30 33.30 -19.60 18.48
N ILE A 31 31.96 -19.55 18.55
CA ILE A 31 31.29 -18.55 19.39
C ILE A 31 31.58 -18.72 20.88
N LEU A 32 31.87 -19.93 21.38
CA LEU A 32 32.11 -20.08 22.81
C LEU A 32 33.41 -19.45 23.27
N PRO A 33 34.57 -19.75 22.69
CA PRO A 33 35.81 -19.09 23.13
C PRO A 33 35.80 -17.61 22.76
N LEU A 34 35.15 -17.28 21.62
CA LEU A 34 35.04 -15.87 21.27
C LEU A 34 34.27 -15.12 22.37
N ALA A 35 33.06 -15.56 22.71
CA ALA A 35 32.29 -14.86 23.76
C ALA A 35 33.02 -14.89 25.11
N ASP A 36 33.72 -15.93 25.50
CA ASP A 36 34.49 -15.87 26.73
C ASP A 36 35.54 -14.73 26.68
N THR A 37 36.21 -14.55 25.56
CA THR A 37 37.20 -13.49 25.37
C THR A 37 36.57 -12.09 25.42
N LEU A 38 35.37 -11.92 24.85
CA LEU A 38 34.68 -10.64 24.90
C LEU A 38 34.23 -10.28 26.33
N ALA A 39 33.66 -11.23 27.04
CA ALA A 39 33.16 -11.05 28.39
C ALA A 39 34.34 -10.80 29.36
N LYS A 40 35.42 -11.54 29.19
CA LYS A 40 36.58 -11.38 30.06
C LYS A 40 37.09 -9.94 29.97
N ASN A 41 37.10 -9.38 28.76
CA ASN A 41 37.51 -8.02 28.54
C ASN A 41 36.43 -6.98 28.64
N GLY A 42 35.30 -7.21 29.25
CA GLY A 42 34.22 -6.30 29.45
C GLY A 42 33.18 -5.99 28.43
N LEU A 43 32.99 -6.80 27.36
CA LEU A 43 31.96 -6.53 26.36
C LEU A 43 31.04 -7.75 26.27
N SER A 44 29.99 -7.87 27.06
CA SER A 44 29.15 -9.05 26.96
C SER A 44 27.97 -8.83 26.01
N VAL A 45 28.30 -8.56 24.74
CA VAL A 45 27.30 -8.32 23.71
C VAL A 45 27.85 -8.74 22.34
N ALA A 46 26.96 -9.22 21.46
CA ALA A 46 27.43 -9.58 20.12
C ALA A 46 26.29 -9.58 19.09
N GLU A 47 26.57 -9.02 17.93
CA GLU A 47 25.60 -9.02 16.82
C GLU A 47 26.13 -10.11 15.86
N ILE A 48 25.40 -11.20 15.75
CA ILE A 48 25.85 -12.30 14.86
C ILE A 48 25.18 -12.18 13.48
N THR A 49 25.96 -12.02 12.47
CA THR A 49 25.40 -11.75 11.12
C THR A 49 24.85 -12.97 10.43
N PHE A 50 23.64 -12.86 9.89
CA PHE A 50 23.05 -13.93 9.04
C PHE A 50 23.72 -13.99 7.68
N ARG A 51 24.71 -13.15 7.39
CA ARG A 51 25.49 -13.27 6.14
C ARG A 51 26.26 -14.60 6.16
N SER A 52 26.52 -15.18 7.32
CA SER A 52 27.11 -16.49 7.44
C SER A 52 26.03 -17.53 7.74
N GLU A 53 26.15 -18.71 7.11
CA GLU A 53 25.17 -19.78 7.33
C GLU A 53 25.20 -20.32 8.73
N ALA A 54 26.31 -20.18 9.45
CA ALA A 54 26.39 -20.69 10.83
C ALA A 54 25.72 -19.82 11.88
N ALA A 55 25.11 -18.71 11.50
CA ALA A 55 24.53 -17.77 12.46
C ALA A 55 23.58 -18.35 13.45
N ALA A 56 22.51 -19.04 12.97
CA ALA A 56 21.51 -19.59 13.87
C ALA A 56 22.05 -20.59 14.87
N ASP A 57 22.90 -21.52 14.45
CA ASP A 57 23.48 -22.46 15.42
C ASP A 57 24.33 -21.69 16.44
N ALA A 58 25.07 -20.65 16.01
CA ALA A 58 25.90 -19.92 17.01
C ALA A 58 25.07 -19.24 18.08
N ILE A 59 23.96 -18.58 17.68
CA ILE A 59 23.06 -17.95 18.64
C ILE A 59 22.55 -18.91 19.69
N ARG A 60 22.13 -20.09 19.25
CA ARG A 60 21.62 -21.13 20.13
C ARG A 60 22.66 -21.65 21.11
N LEU A 61 23.89 -21.95 20.66
CA LEU A 61 24.94 -22.43 21.56
C LEU A 61 25.31 -21.36 22.57
N LEU A 62 25.33 -20.08 22.13
CA LEU A 62 25.74 -19.01 23.05
C LEU A 62 24.70 -18.77 24.12
N ARG A 63 23.41 -18.80 23.73
CA ARG A 63 22.30 -18.61 24.69
C ARG A 63 22.38 -19.69 25.75
N ALA A 64 22.54 -20.97 25.38
CA ALA A 64 22.72 -22.02 26.37
C ALA A 64 23.93 -21.83 27.29
N ASN A 65 25.13 -21.53 26.81
CA ASN A 65 26.35 -21.38 27.62
C ASN A 65 26.37 -20.12 28.46
N ARG A 66 25.87 -19.01 27.92
CA ARG A 66 25.83 -17.76 28.68
C ARG A 66 24.44 -17.18 28.63
N PRO A 67 23.54 -17.61 29.52
CA PRO A 67 22.17 -17.18 29.51
C PRO A 67 21.97 -15.68 29.62
N ASP A 68 22.91 -14.92 30.16
CA ASP A 68 22.78 -13.51 30.31
C ASP A 68 23.37 -12.66 29.20
N PHE A 69 23.94 -13.28 28.15
CA PHE A 69 24.62 -12.50 27.12
C PHE A 69 23.68 -11.71 26.25
N LEU A 70 24.06 -10.44 25.89
CA LEU A 70 23.13 -9.72 24.99
C LEU A 70 23.40 -10.14 23.55
N ILE A 71 22.38 -10.72 22.87
CA ILE A 71 22.64 -11.24 21.54
C ILE A 71 21.67 -10.65 20.51
N ALA A 72 22.27 -10.19 19.43
CA ALA A 72 21.54 -9.67 18.30
C ALA A 72 21.71 -10.55 17.04
N ALA A 73 20.65 -10.74 16.32
CA ALA A 73 20.78 -11.40 14.96
C ALA A 73 20.93 -10.29 13.95
N GLY A 74 22.02 -10.19 13.17
CA GLY A 74 22.10 -9.07 12.23
C GLY A 74 21.93 -9.45 10.78
N THR A 75 21.76 -8.50 9.88
CA THR A 75 21.56 -8.63 8.46
C THR A 75 20.36 -9.57 8.16
N VAL A 76 19.29 -9.42 8.89
CA VAL A 76 18.05 -10.17 8.73
C VAL A 76 17.27 -9.55 7.55
N LEU A 77 17.09 -10.34 6.49
CA LEU A 77 16.36 -9.82 5.33
C LEU A 77 15.05 -10.57 5.02
N THR A 78 14.84 -11.74 5.54
CA THR A 78 13.64 -12.56 5.22
C THR A 78 12.83 -12.94 6.42
N ALA A 79 11.56 -13.36 6.16
CA ALA A 79 10.68 -13.79 7.23
C ALA A 79 11.20 -15.09 7.89
N GLU A 80 11.75 -16.02 7.12
CA GLU A 80 12.34 -17.23 7.69
C GLU A 80 13.46 -16.89 8.70
N GLN A 81 14.31 -15.93 8.42
CA GLN A 81 15.43 -15.55 9.33
C GLN A 81 14.89 -14.94 10.62
N VAL A 82 13.84 -14.11 10.45
CA VAL A 82 13.20 -13.58 11.69
C VAL A 82 12.77 -14.73 12.59
N VAL A 83 11.98 -15.66 12.02
CA VAL A 83 11.43 -16.78 12.77
C VAL A 83 12.52 -17.62 13.42
N LEU A 84 13.58 -17.89 12.70
CA LEU A 84 14.69 -18.71 13.22
C LEU A 84 15.54 -17.91 14.22
N ALA A 85 15.71 -16.62 14.00
CA ALA A 85 16.39 -15.77 14.99
C ALA A 85 15.69 -15.81 16.34
N LYS A 86 14.35 -15.70 16.33
CA LYS A 86 13.60 -15.79 17.57
C LYS A 86 13.70 -17.15 18.26
N SER A 87 13.51 -18.27 17.54
CA SER A 87 13.62 -19.59 18.20
C SER A 87 15.04 -19.95 18.63
N SER A 88 16.06 -19.37 17.99
CA SER A 88 17.44 -19.66 18.39
C SER A 88 17.77 -18.95 19.70
N GLY A 89 17.06 -17.85 20.04
CA GLY A 89 17.32 -17.19 21.29
C GLY A 89 17.85 -15.79 21.22
N ALA A 90 17.83 -15.12 20.05
CA ALA A 90 18.40 -13.76 19.99
C ALA A 90 17.57 -12.78 20.85
N ASP A 91 18.16 -11.68 21.31
CA ASP A 91 17.32 -10.70 22.06
C ASP A 91 16.63 -9.70 21.13
N PHE A 92 17.21 -9.36 20.00
CA PHE A 92 16.63 -8.38 19.08
C PHE A 92 17.19 -8.58 17.68
N VAL A 93 16.63 -7.84 16.72
CA VAL A 93 17.02 -7.97 15.33
C VAL A 93 17.57 -6.67 14.77
N VAL A 94 18.60 -6.76 13.94
CA VAL A 94 19.16 -5.58 13.29
C VAL A 94 19.11 -5.77 11.78
N THR A 95 18.77 -4.72 11.01
CA THR A 95 18.67 -4.88 9.54
C THR A 95 19.36 -3.71 8.87
N PRO A 96 19.86 -3.85 7.63
CA PRO A 96 20.66 -2.79 7.04
C PRO A 96 19.77 -1.69 6.50
N GLY A 97 18.58 -2.10 6.03
CA GLY A 97 17.61 -1.14 5.51
C GLY A 97 16.26 -1.38 6.29
N LEU A 98 15.19 -0.78 5.83
CA LEU A 98 13.88 -0.88 6.47
C LEU A 98 12.89 -1.48 5.46
N ASN A 99 12.54 -2.75 5.67
CA ASN A 99 11.54 -3.41 4.84
C ASN A 99 10.32 -3.52 5.78
N PRO A 100 9.24 -2.85 5.46
CA PRO A 100 8.09 -2.75 6.37
C PRO A 100 7.48 -4.09 6.68
N LYS A 101 7.50 -5.11 5.80
CA LYS A 101 6.89 -6.39 6.20
C LYS A 101 7.72 -7.05 7.30
N ILE A 102 9.08 -6.87 7.24
CA ILE A 102 9.95 -7.46 8.26
C ILE A 102 9.78 -6.74 9.58
N VAL A 103 9.66 -5.39 9.54
CA VAL A 103 9.45 -4.66 10.82
C VAL A 103 8.12 -5.03 11.43
N LYS A 104 7.07 -5.08 10.62
CA LYS A 104 5.72 -5.45 11.14
C LYS A 104 5.70 -6.83 11.74
N LEU A 105 6.36 -7.81 11.12
CA LEU A 105 6.47 -9.16 11.65
C LEU A 105 7.15 -9.20 13.00
N CYS A 106 8.30 -8.51 13.17
CA CYS A 106 8.90 -8.53 14.54
C CYS A 106 7.94 -7.91 15.55
N GLN A 107 7.27 -6.81 15.22
CA GLN A 107 6.30 -6.17 16.11
C GLN A 107 5.16 -7.14 16.43
N ASP A 108 4.63 -7.88 15.46
CA ASP A 108 3.53 -8.84 15.70
C ASP A 108 4.01 -10.04 16.52
N LEU A 109 5.33 -10.26 16.59
CA LEU A 109 5.84 -11.36 17.39
C LEU A 109 6.47 -10.82 18.69
N ASN A 110 6.22 -9.56 19.00
CA ASN A 110 6.82 -8.94 20.22
C ASN A 110 8.32 -9.21 20.27
N PHE A 111 9.01 -8.95 19.18
CA PHE A 111 10.46 -9.20 19.01
C PHE A 111 11.12 -7.88 18.63
N PRO A 112 11.89 -7.27 19.52
CA PRO A 112 12.47 -5.96 19.33
C PRO A 112 13.31 -5.88 18.06
N ILE A 113 13.22 -4.74 17.35
CA ILE A 113 14.00 -4.62 16.10
C ILE A 113 14.53 -3.21 15.93
N THR A 114 15.81 -3.08 15.54
CA THR A 114 16.38 -1.79 15.22
C THR A 114 16.69 -1.76 13.72
N PRO A 115 15.83 -1.14 12.92
CA PRO A 115 16.01 -1.15 11.47
C PRO A 115 16.93 -0.09 10.96
N GLY A 116 17.58 -0.31 9.79
CA GLY A 116 18.49 0.65 9.22
C GLY A 116 17.86 1.71 8.33
N VAL A 117 18.28 2.99 8.51
CA VAL A 117 17.84 4.12 7.69
C VAL A 117 19.02 4.96 7.24
N ASN A 118 18.96 5.76 6.14
CA ASN A 118 20.11 6.60 5.86
C ASN A 118 19.64 7.92 5.24
N ASN A 119 18.37 8.19 5.23
CA ASN A 119 17.85 9.46 4.65
C ASN A 119 16.52 9.79 5.35
N PRO A 120 15.95 10.96 5.08
CA PRO A 120 14.71 11.39 5.67
C PRO A 120 13.49 10.54 5.35
N ALA A 122 13.30 7.31 4.80
CA ALA A 122 13.41 6.11 5.65
C ALA A 122 13.13 6.44 7.12
N ILE A 123 13.70 7.54 7.66
CA ILE A 123 13.37 7.89 9.06
C ILE A 123 11.89 8.08 9.26
N GLU A 124 11.21 8.76 8.33
CA GLU A 124 9.77 9.02 8.47
C GLU A 124 8.90 7.80 8.39
N ILE A 125 9.37 6.77 7.68
CA ILE A 125 8.61 5.50 7.66
C ILE A 125 8.76 4.85 9.04
N ALA A 126 9.97 4.85 9.61
CA ALA A 126 10.22 4.32 10.94
C ALA A 126 9.37 4.97 12.05
N LEU A 127 9.29 6.29 12.02
CA LEU A 127 8.57 7.11 13.02
C LEU A 127 7.08 6.83 12.82
N GLU A 128 6.64 6.62 11.61
CA GLU A 128 5.27 6.26 11.29
C GLU A 128 4.97 4.87 11.85
N GLY A 130 6.11 3.67 14.74
CA GLY A 130 6.38 3.65 16.17
C GLY A 130 7.82 3.41 16.55
N ILE A 131 8.78 3.63 15.61
CA ILE A 131 10.16 3.32 15.94
C ILE A 131 11.01 4.57 16.08
N SER A 132 11.70 4.70 17.20
CA SER A 132 12.57 5.88 17.41
C SER A 132 14.03 5.50 17.54
N ALA A 133 14.36 4.21 17.61
CA ALA A 133 15.76 3.77 17.71
C ALA A 133 16.19 3.06 16.41
N VAL A 134 17.12 3.64 15.66
CA VAL A 134 17.47 3.00 14.36
C VAL A 134 18.96 2.91 14.14
N LYS A 135 19.30 1.97 13.22
CA LYS A 135 20.65 1.85 12.75
C LYS A 135 20.91 2.86 11.63
N PHE A 136 22.10 3.49 11.61
CA PHE A 136 22.44 4.41 10.54
C PHE A 136 23.50 3.68 9.68
N PHE A 137 23.14 3.28 8.47
CA PHE A 137 24.03 2.46 7.60
C PHE A 137 23.77 2.73 6.15
N PRO A 138 24.82 2.87 5.32
CA PRO A 138 26.22 2.80 5.77
C PRO A 138 26.74 4.18 6.24
N ALA A 139 27.18 4.22 7.50
CA ALA A 139 27.53 5.51 8.13
C ALA A 139 28.45 6.42 7.40
N GLU A 140 29.71 6.05 7.18
CA GLU A 140 30.68 6.89 6.47
C GLU A 140 30.29 7.20 5.04
N ALA A 141 29.96 6.20 4.20
CA ALA A 141 29.58 6.54 2.82
C ALA A 141 28.35 7.39 2.69
N SER A 142 27.38 7.39 3.62
CA SER A 142 26.22 8.24 3.56
C SER A 142 26.44 9.67 4.05
N GLY A 143 27.66 10.05 4.45
CA GLY A 143 27.93 11.39 4.92
C GLY A 143 28.49 11.46 6.30
N GLY A 144 28.62 10.36 7.04
CA GLY A 144 29.20 10.32 8.36
C GLY A 144 28.56 11.24 9.40
N VAL A 145 29.41 11.80 10.28
CA VAL A 145 28.97 12.66 11.39
C VAL A 145 28.26 13.87 10.86
N LYS A 146 28.68 14.41 9.72
CA LYS A 146 28.00 15.55 9.11
C LYS A 146 26.54 15.27 8.75
N ILE A 148 24.55 12.89 10.10
CA ILE A 148 23.88 12.65 11.32
C ILE A 148 23.45 13.96 12.02
N LYS A 149 24.40 14.91 12.16
CA LYS A 149 24.09 16.19 12.77
C LYS A 149 23.01 16.89 11.99
N ALA A 150 23.11 16.82 10.65
CA ALA A 150 22.05 17.47 9.84
C ALA A 150 20.69 16.83 10.05
N LEU A 151 20.55 15.50 10.13
CA LEU A 151 19.26 14.83 10.36
C LEU A 151 18.72 15.11 11.77
N LEU A 152 19.62 15.39 12.75
CA LEU A 152 19.25 15.68 14.13
C LEU A 152 18.61 17.04 14.35
N GLY A 153 18.61 17.94 13.40
CA GLY A 153 17.90 19.22 13.47
C GLY A 153 16.39 18.97 13.54
N PRO A 154 15.78 18.38 12.48
CA PRO A 154 14.36 18.09 12.52
C PRO A 154 13.99 16.83 13.30
N TYR A 155 14.86 15.83 13.35
CA TYR A 155 14.57 14.59 14.07
C TYR A 155 15.40 14.55 15.36
N ALA A 156 15.10 15.50 16.24
CA ALA A 156 15.83 15.76 17.46
C ALA A 156 15.78 14.67 18.51
N GLN A 157 14.76 13.82 18.52
CA GLN A 157 14.70 12.77 19.52
C GLN A 157 14.97 11.37 18.95
N LEU A 158 15.57 11.26 17.75
CA LEU A 158 15.95 9.94 17.25
C LEU A 158 17.09 9.31 18.06
N GLN A 159 17.11 8.02 18.34
CA GLN A 159 18.24 7.36 19.03
C GLN A 159 19.01 6.60 17.95
N ILE A 160 20.27 6.89 17.71
CA ILE A 160 20.98 6.33 16.52
C ILE A 160 22.08 5.37 16.81
N PRO A 162 25.11 3.82 14.61
CA PRO A 162 25.83 3.80 13.37
C PRO A 162 26.69 2.59 13.10
N THR A 163 26.64 2.14 11.83
CA THR A 163 27.52 1.06 11.41
C THR A 163 28.00 1.38 9.99
N GLY A 164 29.25 1.06 9.73
CA GLY A 164 29.89 1.25 8.46
C GLY A 164 30.99 2.30 8.43
N GLY A 165 32.22 1.83 8.20
CA GLY A 165 33.41 2.68 8.09
C GLY A 165 33.82 3.23 9.43
N ILE A 166 33.44 2.58 10.53
CA ILE A 166 33.81 3.08 11.87
C ILE A 166 35.06 2.37 12.36
N GLY A 167 36.05 3.15 12.79
CA GLY A 167 37.27 2.56 13.34
C GLY A 167 37.75 3.36 14.54
N LEU A 168 38.97 3.06 14.99
CA LEU A 168 39.60 3.74 16.12
C LEU A 168 39.77 5.23 15.85
N HIS A 169 40.12 5.59 14.65
CA HIS A 169 40.28 6.96 14.23
C HIS A 169 39.05 7.82 14.27
N ASN A 170 37.81 7.30 14.30
CA ASN A 170 36.63 8.16 14.27
C ASN A 170 35.57 7.74 15.25
N ILE A 171 35.81 6.69 16.05
CA ILE A 171 34.72 6.30 16.94
C ILE A 171 34.35 7.39 17.95
N ARG A 172 35.32 8.16 18.45
CA ARG A 172 35.05 9.22 19.41
C ARG A 172 34.22 10.34 18.82
N ASP A 173 34.42 10.61 17.53
CA ASP A 173 33.63 11.66 16.87
C ASP A 173 32.17 11.32 16.87
N TYR A 174 31.84 10.02 16.70
CA TYR A 174 30.45 9.59 16.69
C TYR A 174 29.89 9.57 18.08
N LEU A 175 30.69 9.02 19.04
CA LEU A 175 30.20 8.94 20.41
C LEU A 175 30.07 10.31 21.07
N ALA A 176 30.59 11.38 20.51
CA ALA A 176 30.45 12.72 21.13
C ALA A 176 29.02 13.22 21.02
N ILE A 177 28.25 12.68 20.08
CA ILE A 177 26.87 13.06 19.84
C ILE A 177 25.95 12.34 20.78
N PRO A 178 25.19 13.11 21.59
CA PRO A 178 24.33 12.57 22.61
C PRO A 178 23.28 11.59 22.15
N ASN A 179 22.70 11.82 20.96
CA ASN A 179 21.66 10.88 20.50
C ASN A 179 22.30 9.57 20.05
N ILE A 180 23.61 9.54 19.74
CA ILE A 180 24.21 8.27 19.33
C ILE A 180 24.36 7.34 20.50
N VAL A 181 23.67 6.20 20.46
CA VAL A 181 23.69 5.19 21.51
C VAL A 181 24.90 4.32 21.55
N ALA A 182 25.34 3.78 20.43
CA ALA A 182 26.42 2.81 20.38
C ALA A 182 26.75 2.57 18.90
N CYS A 183 28.00 2.24 18.62
CA CYS A 183 28.45 2.05 17.23
C CYS A 183 28.73 0.55 17.01
N GLY A 184 28.66 0.10 15.74
CA GLY A 184 29.01 -1.33 15.51
C GLY A 184 30.28 -1.36 14.67
N GLY A 185 31.09 -2.41 14.85
CA GLY A 185 32.30 -2.58 14.04
C GLY A 185 32.83 -4.01 14.13
N SER A 186 33.77 -4.36 13.24
CA SER A 186 34.29 -5.73 13.32
C SER A 186 35.81 -5.79 13.26
N TRP A 187 36.51 -4.66 13.35
CA TRP A 187 37.98 -4.70 13.19
C TRP A 187 38.64 -5.45 14.35
N PHE A 188 38.06 -5.36 15.54
CA PHE A 188 38.57 -6.05 16.72
C PHE A 188 38.12 -7.49 16.77
N VAL A 189 37.19 -7.96 15.91
CA VAL A 189 36.78 -9.38 15.96
C VAL A 189 36.91 -9.89 14.53
N GLU A 190 37.97 -9.44 13.84
CA GLU A 190 38.14 -9.80 12.44
C GLU A 190 38.10 -11.30 12.16
N LYS A 191 37.45 -11.65 11.05
CA LYS A 191 37.26 -13.04 10.64
C LYS A 191 38.52 -13.91 10.60
N LYS A 192 39.62 -13.39 10.08
CA LYS A 192 40.87 -14.14 10.04
C LYS A 192 41.40 -14.43 11.43
N LEU A 193 41.24 -13.53 12.42
CA LEU A 193 41.66 -13.78 13.78
C LEU A 193 40.77 -14.85 14.43
N ILE A 194 39.47 -14.84 14.10
CA ILE A 194 38.58 -15.86 14.68
C ILE A 194 38.94 -17.23 14.14
N GLN A 195 39.17 -17.30 12.83
CA GLN A 195 39.54 -18.54 12.13
C GLN A 195 40.84 -19.14 12.60
N SER A 196 41.81 -18.29 12.94
CA SER A 196 43.09 -18.74 13.48
C SER A 196 43.03 -18.98 14.98
N ASN A 197 41.88 -18.72 15.62
CA ASN A 197 41.66 -18.90 17.03
C ASN A 197 42.69 -18.08 17.83
N ASN A 198 42.97 -16.86 17.36
CA ASN A 198 43.93 -15.99 18.08
C ASN A 198 43.20 -15.14 19.11
N TRP A 199 42.82 -15.72 20.20
CA TRP A 199 42.02 -15.11 21.27
C TRP A 199 42.78 -13.99 21.99
N ASP A 200 44.11 -14.03 22.04
CA ASP A 200 44.89 -12.99 22.69
C ASP A 200 44.88 -11.71 21.87
N GLU A 201 45.14 -11.81 20.58
CA GLU A 201 45.06 -10.64 19.71
C GLU A 201 43.68 -10.02 19.78
N ILE A 202 42.61 -10.84 19.73
CA ILE A 202 41.25 -10.31 19.84
C ILE A 202 41.06 -9.57 21.15
N GLY A 203 41.36 -10.18 22.27
CA GLY A 203 41.22 -9.53 23.57
C GLY A 203 42.07 -8.24 23.64
N ARG A 204 43.18 -8.17 22.93
CA ARG A 204 44.01 -6.98 22.95
C ARG A 204 43.26 -5.83 22.29
N LEU A 205 42.80 -6.05 21.07
CA LEU A 205 42.05 -5.07 20.30
C LEU A 205 40.78 -4.62 21.02
N VAL A 206 40.16 -5.50 21.78
CA VAL A 206 38.94 -5.17 22.51
C VAL A 206 39.31 -4.12 23.57
N ARG A 207 40.31 -4.49 24.39
CA ARG A 207 40.77 -3.56 25.42
C ARG A 207 41.20 -2.23 24.79
N GLU A 208 41.85 -2.22 23.65
CA GLU A 208 42.28 -1.01 23.01
C GLU A 208 41.14 -0.09 22.60
N VAL A 209 39.98 -0.65 22.19
CA VAL A 209 38.89 0.22 21.71
C VAL A 209 38.18 0.74 22.92
N ILE A 210 38.11 -0.11 23.95
CA ILE A 210 37.46 0.29 25.19
C ILE A 210 38.23 1.45 25.85
N ASP A 211 39.57 1.40 25.79
CA ASP A 211 40.40 2.45 26.34
C ASP A 211 40.23 3.77 25.60
N ILE A 212 40.25 3.73 24.27
CA ILE A 212 40.14 4.95 23.49
C ILE A 212 38.79 5.62 23.70
N ILE A 213 37.73 4.85 23.89
CA ILE A 213 36.41 5.43 24.14
C ILE A 213 36.34 6.10 25.50
N LYS A 214 36.90 5.48 26.53
CA LYS A 214 36.90 6.10 27.86
C LYS A 214 38.01 7.12 28.04
N GLU A 215 38.61 7.64 26.97
CA GLU A 215 39.69 8.60 27.04
C GLU A 215 39.21 9.98 27.44
N SER B 4 -6.23 33.39 -0.46
CA SER B 4 -5.33 32.20 -0.38
C SER B 4 -4.63 31.90 -1.70
N TYR B 5 -3.30 31.78 -1.63
CA TYR B 5 -2.50 31.48 -2.82
C TYR B 5 -2.43 29.99 -3.14
N THR B 6 -2.35 29.66 -4.43
CA THR B 6 -2.23 28.24 -4.82
C THR B 6 -0.77 27.82 -4.69
N THR B 7 -0.51 26.51 -4.83
CA THR B 7 0.90 26.08 -4.69
C THR B 7 1.78 26.76 -5.75
N GLN B 8 1.35 26.78 -7.00
CA GLN B 8 2.16 27.40 -8.04
C GLN B 8 2.39 28.90 -7.80
N GLN B 9 1.41 29.63 -7.31
CA GLN B 9 1.53 31.04 -7.01
C GLN B 9 2.55 31.27 -5.92
N ILE B 10 2.59 30.36 -4.91
CA ILE B 10 3.61 30.47 -3.87
C ILE B 10 5.01 30.27 -4.43
N ILE B 11 5.11 29.35 -5.41
CA ILE B 11 6.44 29.05 -5.95
C ILE B 11 6.99 30.28 -6.67
N GLU B 12 6.14 30.91 -7.48
CA GLU B 12 6.57 32.15 -8.16
C GLU B 12 6.86 33.24 -7.16
N LYS B 13 6.11 33.28 -6.04
CA LYS B 13 6.42 34.25 -5.00
C LYS B 13 7.77 33.97 -4.38
N LEU B 14 8.18 32.70 -4.21
CA LEU B 14 9.49 32.41 -3.66
C LEU B 14 10.62 32.62 -4.68
N ARG B 15 10.25 32.48 -5.96
CA ARG B 15 11.23 32.67 -7.03
C ARG B 15 11.72 34.13 -7.03
N GLU B 16 10.90 35.08 -6.59
CA GLU B 16 11.31 36.47 -6.42
C GLU B 16 12.15 36.70 -5.15
N LEU B 17 11.83 36.12 -4.00
CA LEU B 17 12.60 36.33 -2.79
C LEU B 17 13.96 35.71 -2.78
N LYS B 18 14.07 34.46 -3.27
CA LYS B 18 15.30 33.73 -3.39
C LYS B 18 15.89 33.19 -2.13
N ILE B 19 15.60 33.77 -0.96
CA ILE B 19 16.16 33.32 0.30
C ILE B 19 15.08 33.30 1.39
N VAL B 20 14.98 32.19 2.14
CA VAL B 20 13.93 32.05 3.17
C VAL B 20 14.49 31.81 4.54
N PRO B 21 14.12 32.71 5.48
CA PRO B 21 14.56 32.61 6.86
C PRO B 21 13.88 31.45 7.55
N VAL B 22 14.64 30.57 8.15
CA VAL B 22 14.13 29.40 8.87
C VAL B 22 14.29 29.77 10.36
N ILE B 23 13.16 30.06 10.99
CA ILE B 23 13.10 30.51 12.36
C ILE B 23 12.62 29.52 13.40
N ALA B 24 13.37 29.43 14.49
CA ALA B 24 13.02 28.61 15.64
C ALA B 24 12.85 29.56 16.85
N LEU B 25 11.62 29.82 17.28
CA LEU B 25 11.38 30.75 18.39
C LEU B 25 11.12 30.08 19.73
N ASP B 26 11.62 30.64 20.82
CA ASP B 26 11.37 30.12 22.17
C ASP B 26 10.22 30.93 22.79
N ASN B 27 10.16 32.19 22.36
CA ASN B 27 9.13 33.09 22.87
C ASN B 27 8.32 33.65 21.71
N ALA B 28 7.04 33.29 21.64
CA ALA B 28 6.16 33.68 20.58
C ALA B 28 6.09 35.14 20.26
N ASP B 29 6.07 36.02 21.26
CA ASP B 29 6.01 37.46 21.06
C ASP B 29 7.16 38.04 20.24
N ASP B 30 8.33 37.40 20.20
CA ASP B 30 9.46 37.88 19.43
C ASP B 30 9.21 37.94 17.93
N ILE B 31 8.18 37.35 17.38
CA ILE B 31 7.89 37.32 15.96
C ILE B 31 7.56 38.70 15.43
N LEU B 32 7.05 39.61 16.27
CA LEU B 32 6.66 40.93 15.70
C LEU B 32 7.86 41.80 15.40
N PRO B 33 8.83 41.83 16.32
CA PRO B 33 10.02 42.68 16.09
C PRO B 33 10.88 42.07 14.99
N LEU B 34 10.87 40.74 14.97
CA LEU B 34 11.58 39.99 13.90
C LEU B 34 10.95 40.21 12.57
N ALA B 35 9.66 40.03 12.40
CA ALA B 35 8.97 40.25 11.13
C ALA B 35 9.18 41.68 10.65
N ASP B 36 9.23 42.60 11.61
CA ASP B 36 9.53 44.01 11.35
C ASP B 36 10.90 44.18 10.72
N THR B 37 11.95 43.72 11.37
CA THR B 37 13.31 43.82 10.84
C THR B 37 13.40 43.20 9.45
N LEU B 38 12.87 41.96 9.30
CA LEU B 38 12.90 41.31 8.00
C LEU B 38 12.12 42.09 6.97
N ALA B 39 10.94 42.58 7.27
CA ALA B 39 10.13 43.30 6.30
C ALA B 39 10.76 44.64 5.93
N LYS B 40 11.53 45.29 6.79
CA LYS B 40 12.14 46.57 6.46
C LYS B 40 13.30 46.37 5.50
N ASN B 41 13.99 45.24 5.61
CA ASN B 41 15.15 44.92 4.82
C ASN B 41 14.90 44.13 3.56
N GLY B 42 13.65 43.98 3.13
CA GLY B 42 13.35 43.30 1.89
C GLY B 42 12.83 41.90 1.84
N LEU B 43 12.73 41.19 2.95
CA LEU B 43 12.23 39.82 2.92
C LEU B 43 10.93 39.62 3.67
N SER B 44 9.76 39.81 3.08
CA SER B 44 8.50 39.55 3.79
C SER B 44 8.07 38.07 3.67
N VAL B 45 8.82 37.21 4.38
CA VAL B 45 8.52 35.77 4.31
C VAL B 45 9.27 35.07 5.43
N ALA B 46 8.63 34.03 6.01
CA ALA B 46 9.39 33.27 7.02
C ALA B 46 8.91 31.81 7.07
N GLU B 47 9.74 30.92 7.51
CA GLU B 47 9.39 29.52 7.76
C GLU B 47 9.54 29.28 9.27
N ILE B 48 8.41 29.18 9.95
CA ILE B 48 8.41 29.00 11.39
C ILE B 48 8.38 27.52 11.78
N THR B 49 9.42 27.07 12.47
CA THR B 49 9.49 25.67 12.81
C THR B 49 8.59 25.23 13.94
N PHE B 50 7.93 24.04 13.73
CA PHE B 50 7.14 23.46 14.82
C PHE B 50 8.06 22.73 15.81
N ARG B 51 9.37 22.88 15.65
CA ARG B 51 10.41 22.34 16.49
C ARG B 51 10.36 23.07 17.84
N SER B 52 9.82 24.28 17.80
CA SER B 52 9.62 25.14 18.96
C SER B 52 8.14 25.11 19.34
N GLU B 53 7.84 24.97 20.62
CA GLU B 53 6.48 24.89 21.12
C GLU B 53 5.60 26.09 20.81
N ALA B 54 6.13 27.30 20.67
CA ALA B 54 5.33 28.49 20.44
C ALA B 54 5.16 28.86 18.97
N ALA B 55 5.33 27.87 18.10
CA ALA B 55 5.21 28.11 16.66
C ALA B 55 3.81 28.49 16.23
N ALA B 56 2.78 27.80 16.77
CA ALA B 56 1.43 28.14 16.33
C ALA B 56 1.00 29.55 16.71
N ASP B 57 1.22 29.94 17.96
CA ASP B 57 0.88 31.30 18.42
C ASP B 57 1.66 32.34 17.60
N ALA B 58 2.95 32.03 17.31
CA ALA B 58 3.72 33.00 16.50
C ALA B 58 3.11 33.26 15.14
N ILE B 59 2.59 32.20 14.48
CA ILE B 59 2.02 32.35 13.14
C ILE B 59 0.73 33.14 13.24
N ARG B 60 -0.11 32.76 14.21
CA ARG B 60 -1.38 33.46 14.45
C ARG B 60 -1.16 34.95 14.75
N LEU B 61 -0.25 35.24 15.66
CA LEU B 61 0.08 36.65 15.97
C LEU B 61 0.56 37.40 14.72
N LEU B 62 1.52 36.76 14.02
CA LEU B 62 2.07 37.37 12.80
C LEU B 62 1.02 37.53 11.72
N ARG B 63 0.10 36.58 11.53
CA ARG B 63 -0.93 36.75 10.50
C ARG B 63 -1.83 37.95 10.74
N ALA B 64 -2.20 38.16 11.99
CA ALA B 64 -3.05 39.27 12.43
C ALA B 64 -2.39 40.61 12.17
N ASN B 65 -1.14 40.77 12.58
CA ASN B 65 -0.40 42.00 12.43
C ASN B 65 -0.03 42.36 10.99
N ARG B 66 0.42 41.37 10.22
CA ARG B 66 0.77 41.63 8.82
C ARG B 66 0.13 40.55 7.94
N PRO B 67 -1.12 40.78 7.53
CA PRO B 67 -1.91 39.87 6.75
C PRO B 67 -1.39 39.48 5.37
N ASP B 68 -0.39 40.17 4.88
CA ASP B 68 0.18 39.93 3.56
C ASP B 68 1.53 39.24 3.63
N PHE B 69 2.00 38.95 4.82
CA PHE B 69 3.30 38.27 4.97
C PHE B 69 3.17 36.84 4.42
N LEU B 70 4.27 36.31 3.88
CA LEU B 70 4.21 34.91 3.36
C LEU B 70 4.71 34.02 4.48
N ILE B 71 3.85 33.13 5.01
CA ILE B 71 4.24 32.28 6.12
C ILE B 71 4.21 30.78 5.83
N ALA B 72 5.27 30.06 6.19
CA ALA B 72 5.32 28.62 6.06
C ALA B 72 5.40 27.92 7.43
N ALA B 73 4.63 26.86 7.61
CA ALA B 73 4.80 26.08 8.87
C ALA B 73 5.84 25.04 8.53
N GLY B 74 6.97 24.96 9.21
CA GLY B 74 7.99 23.99 8.79
C GLY B 74 8.17 22.90 9.84
N THR B 75 8.91 21.86 9.50
CA THR B 75 9.15 20.66 10.31
C THR B 75 7.84 20.03 10.77
N VAL B 76 6.84 19.95 9.89
CA VAL B 76 5.52 19.37 10.24
C VAL B 76 5.59 17.86 9.97
N LEU B 77 5.44 17.08 11.05
CA LEU B 77 5.47 15.64 10.99
C LEU B 77 4.16 14.90 11.29
N THR B 78 3.17 15.50 11.93
CA THR B 78 1.92 14.79 12.31
C THR B 78 0.68 15.44 11.76
N ALA B 79 -0.45 14.69 11.70
CA ALA B 79 -1.69 15.25 11.25
C ALA B 79 -2.17 16.41 12.15
N GLU B 80 -2.10 16.27 13.46
CA GLU B 80 -2.44 17.39 14.37
C GLU B 80 -1.73 18.67 14.00
N GLN B 81 -0.42 18.60 13.67
CA GLN B 81 0.32 19.76 13.24
C GLN B 81 -0.22 20.36 11.95
N VAL B 82 -0.59 19.51 10.97
CA VAL B 82 -1.18 20.00 9.72
C VAL B 82 -2.45 20.79 10.01
N VAL B 83 -3.37 20.22 10.82
CA VAL B 83 -4.64 20.87 11.14
C VAL B 83 -4.43 22.18 11.88
N LEU B 84 -3.52 22.21 12.84
CA LEU B 84 -3.22 23.44 13.60
C LEU B 84 -2.50 24.51 12.79
N ALA B 85 -1.56 24.10 11.91
CA ALA B 85 -0.87 25.02 11.02
C ALA B 85 -1.89 25.69 10.10
N LYS B 86 -2.91 24.94 9.61
CA LYS B 86 -3.89 25.63 8.79
C LYS B 86 -4.80 26.61 9.54
N SER B 87 -5.32 26.22 10.69
CA SER B 87 -6.24 27.10 11.44
C SER B 87 -5.49 28.29 12.00
N SER B 88 -4.16 28.21 12.22
CA SER B 88 -3.37 29.33 12.68
C SER B 88 -3.15 30.38 11.60
N GLY B 89 -3.23 30.08 10.31
CA GLY B 89 -3.07 31.02 9.25
C GLY B 89 -1.84 30.84 8.37
N ALA B 90 -1.15 29.68 8.40
CA ALA B 90 0.03 29.53 7.53
C ALA B 90 -0.39 29.43 6.06
N ASP B 91 0.50 29.82 5.14
CA ASP B 91 0.16 29.79 3.72
C ASP B 91 0.50 28.40 3.13
N PHE B 92 1.54 27.79 3.67
CA PHE B 92 1.96 26.49 3.18
C PHE B 92 2.80 25.73 4.20
N VAL B 93 2.95 24.44 3.95
CA VAL B 93 3.66 23.47 4.79
C VAL B 93 4.98 23.03 4.17
N VAL B 94 6.03 22.92 4.98
CA VAL B 94 7.33 22.44 4.50
C VAL B 94 7.67 21.26 5.42
N THR B 95 8.11 20.14 4.87
CA THR B 95 8.47 18.94 5.66
C THR B 95 9.89 18.56 5.33
N PRO B 96 10.64 17.94 6.24
CA PRO B 96 12.02 17.56 5.98
C PRO B 96 12.12 16.30 5.10
N GLY B 97 11.16 15.41 5.14
CA GLY B 97 11.16 14.18 4.35
C GLY B 97 9.75 14.09 3.73
N LEU B 98 9.39 12.97 3.14
CA LEU B 98 8.13 12.83 2.49
C LEU B 98 7.33 11.68 3.10
N ASN B 99 6.31 12.05 3.89
CA ASN B 99 5.38 11.05 4.48
C ASN B 99 4.09 11.12 3.71
N PRO B 100 3.81 10.12 2.82
CA PRO B 100 2.65 10.11 1.96
C PRO B 100 1.35 10.46 2.63
N LYS B 101 1.15 10.06 3.89
CA LYS B 101 -0.08 10.34 4.64
C LYS B 101 -0.22 11.83 4.93
N ILE B 102 0.93 12.51 5.14
CA ILE B 102 0.91 13.94 5.43
C ILE B 102 0.64 14.72 4.19
N VAL B 103 1.31 14.36 3.06
CA VAL B 103 1.07 15.05 1.80
C VAL B 103 -0.35 14.85 1.37
N LYS B 104 -0.83 13.60 1.35
CA LYS B 104 -2.26 13.40 0.96
C LYS B 104 -3.21 14.21 1.81
N LEU B 105 -3.01 14.33 3.11
CA LEU B 105 -3.91 15.17 3.95
C LEU B 105 -3.85 16.62 3.56
N CYS B 106 -2.63 17.16 3.29
CA CYS B 106 -2.57 18.54 2.81
C CYS B 106 -3.33 18.72 1.52
N GLN B 107 -3.19 17.79 0.53
CA GLN B 107 -3.90 17.88 -0.73
C GLN B 107 -5.40 17.81 -0.54
N ASP B 108 -5.84 16.95 0.41
CA ASP B 108 -7.28 16.82 0.71
C ASP B 108 -7.87 18.03 1.40
N LEU B 109 -7.06 18.88 2.03
CA LEU B 109 -7.58 20.13 2.64
C LEU B 109 -7.26 21.35 1.77
N ASN B 110 -6.88 21.12 0.50
CA ASN B 110 -6.48 22.22 -0.37
C ASN B 110 -5.44 23.13 0.29
N PHE B 111 -4.42 22.57 0.88
CA PHE B 111 -3.36 23.25 1.62
C PHE B 111 -2.00 22.95 1.00
N PRO B 112 -1.37 23.94 0.37
CA PRO B 112 -0.10 23.80 -0.32
C PRO B 112 0.99 23.21 0.53
N ILE B 113 1.73 22.26 -0.09
CA ILE B 113 2.83 21.64 0.65
C ILE B 113 4.08 21.49 -0.20
N THR B 114 5.27 21.79 0.32
CA THR B 114 6.51 21.47 -0.43
C THR B 114 7.28 20.40 0.36
N PRO B 115 7.14 19.11 0.08
CA PRO B 115 7.83 18.06 0.83
C PRO B 115 9.29 17.91 0.53
N GLY B 116 10.12 17.42 1.45
CA GLY B 116 11.55 17.22 1.27
C GLY B 116 11.92 15.85 0.67
N VAL B 117 12.89 15.84 -0.25
CA VAL B 117 13.47 14.68 -0.90
C VAL B 117 14.99 14.81 -1.01
N ASN B 118 15.72 13.67 -1.10
CA ASN B 118 17.16 13.73 -1.36
C ASN B 118 17.71 12.58 -2.22
N ASN B 119 16.87 11.84 -2.93
CA ASN B 119 17.32 10.68 -3.75
C ASN B 119 16.22 10.38 -4.74
N PRO B 120 16.48 9.64 -5.84
CA PRO B 120 15.49 9.42 -6.86
C PRO B 120 14.19 8.75 -6.36
N ALA B 122 12.52 9.05 -3.58
CA ALA B 122 11.62 10.03 -2.97
C ALA B 122 11.08 11.00 -4.01
N ILE B 123 11.92 11.32 -5.00
CA ILE B 123 11.44 12.21 -6.07
C ILE B 123 10.28 11.54 -6.82
N GLU B 124 10.45 10.27 -7.22
CA GLU B 124 9.39 9.55 -7.96
C GLU B 124 8.11 9.41 -7.17
N ILE B 125 8.16 9.20 -5.85
CA ILE B 125 6.89 9.22 -5.04
C ILE B 125 6.30 10.61 -5.19
N ALA B 126 7.07 11.68 -4.98
CA ALA B 126 6.48 13.02 -5.20
C ALA B 126 5.78 13.18 -6.50
N LEU B 127 6.42 12.87 -7.66
CA LEU B 127 5.90 13.00 -8.99
C LEU B 127 4.63 12.18 -9.17
N GLU B 128 4.62 10.97 -8.58
CA GLU B 128 3.43 10.11 -8.67
C GLU B 128 2.25 10.77 -7.95
N GLY B 130 1.72 13.96 -7.97
CA GLY B 130 1.37 15.22 -8.67
C GLY B 130 2.16 16.40 -8.12
N ILE B 131 3.28 16.13 -7.46
CA ILE B 131 4.11 17.21 -6.94
C ILE B 131 5.39 17.39 -7.76
N SER B 132 5.71 18.63 -8.13
CA SER B 132 6.93 18.94 -8.87
C SER B 132 7.80 19.96 -8.17
N ALA B 133 7.32 20.58 -7.07
CA ALA B 133 8.17 21.53 -6.34
C ALA B 133 8.43 20.95 -4.97
N VAL B 134 9.68 20.63 -4.70
CA VAL B 134 10.14 19.97 -3.51
C VAL B 134 11.28 20.66 -2.82
N LYS B 135 11.31 20.39 -1.48
CA LYS B 135 12.47 20.84 -0.69
C LYS B 135 13.59 19.83 -0.87
N PHE B 136 14.84 20.25 -1.07
CA PHE B 136 15.98 19.31 -1.14
C PHE B 136 16.71 19.39 0.17
N PHE B 137 16.69 18.37 1.02
CA PHE B 137 17.27 18.41 2.35
C PHE B 137 17.74 17.03 2.75
N PRO B 138 18.86 16.94 3.44
CA PRO B 138 19.69 18.12 3.78
C PRO B 138 20.67 18.37 2.62
N ALA B 139 20.64 19.56 2.02
CA ALA B 139 21.39 19.83 0.80
C ALA B 139 22.86 19.55 0.79
N GLU B 140 23.70 20.18 1.62
CA GLU B 140 25.12 19.92 1.58
C GLU B 140 25.46 18.48 1.90
N ALA B 141 24.99 17.95 3.03
CA ALA B 141 25.30 16.58 3.41
C ALA B 141 24.80 15.56 2.39
N SER B 142 23.88 15.89 1.46
CA SER B 142 23.44 14.90 0.50
C SER B 142 24.26 14.97 -0.79
N GLY B 143 25.27 15.86 -0.84
CA GLY B 143 26.11 15.91 -2.06
C GLY B 143 26.02 17.28 -2.71
N GLY B 144 25.24 18.18 -2.12
CA GLY B 144 25.16 19.56 -2.59
C GLY B 144 24.83 19.77 -4.03
N VAL B 145 25.47 20.78 -4.63
CA VAL B 145 25.31 21.18 -6.02
C VAL B 145 25.54 20.06 -7.01
N LYS B 146 26.49 19.18 -6.75
CA LYS B 146 26.78 18.06 -7.64
C LYS B 146 25.62 17.06 -7.67
N ILE B 148 22.45 17.82 -7.04
CA ILE B 148 21.32 18.50 -7.69
C ILE B 148 21.44 18.43 -9.19
N LYS B 149 22.61 18.79 -9.72
CA LYS B 149 22.80 18.75 -11.17
C LYS B 149 22.69 17.32 -11.70
N ALA B 150 23.19 16.33 -10.97
CA ALA B 150 23.01 14.95 -11.54
C ALA B 150 21.52 14.59 -11.54
N LEU B 151 20.75 15.00 -10.49
CA LEU B 151 19.31 14.64 -10.51
C LEU B 151 18.53 15.37 -11.57
N LEU B 152 18.86 16.60 -11.93
CA LEU B 152 18.18 17.38 -12.97
C LEU B 152 18.38 16.83 -14.38
N GLY B 153 19.27 15.86 -14.58
CA GLY B 153 19.34 15.19 -15.89
C GLY B 153 18.03 14.49 -16.22
N PRO B 154 17.62 13.44 -15.50
CA PRO B 154 16.35 12.77 -15.79
C PRO B 154 15.12 13.53 -15.32
N TYR B 155 15.20 14.32 -14.25
CA TYR B 155 14.05 15.04 -13.70
C TYR B 155 14.23 16.53 -13.97
N ALA B 156 14.25 16.88 -15.24
CA ALA B 156 14.53 18.21 -15.72
C ALA B 156 13.46 19.23 -15.47
N GLN B 157 12.25 18.85 -15.06
CA GLN B 157 11.23 19.84 -14.77
C GLN B 157 11.12 20.09 -13.25
N LEU B 158 11.81 19.38 -12.37
CA LEU B 158 11.70 19.61 -10.96
C LEU B 158 11.97 21.08 -10.57
N GLN B 159 11.27 21.63 -9.63
CA GLN B 159 11.46 22.98 -9.09
C GLN B 159 12.01 22.78 -7.66
N ILE B 160 13.22 23.20 -7.36
CA ILE B 160 13.85 22.83 -6.09
C ILE B 160 14.17 23.99 -5.16
N PRO B 162 16.54 24.14 -1.86
CA PRO B 162 17.53 23.54 -1.00
C PRO B 162 17.59 24.09 0.40
N THR B 163 17.87 23.28 1.42
CA THR B 163 18.05 23.80 2.77
C THR B 163 19.06 22.83 3.38
N GLY B 164 19.98 23.30 4.20
CA GLY B 164 20.94 22.42 4.85
C GLY B 164 22.36 22.81 4.46
N GLY B 165 23.10 23.45 5.38
CA GLY B 165 24.45 23.89 5.10
C GLY B 165 24.55 25.02 4.09
N ILE B 166 23.53 25.78 3.80
CA ILE B 166 23.54 26.90 2.86
C ILE B 166 24.03 28.17 3.60
N GLY B 167 25.13 28.72 3.13
CA GLY B 167 25.70 29.93 3.76
C GLY B 167 26.03 30.97 2.68
N LEU B 168 26.72 32.02 3.18
CA LEU B 168 27.13 33.12 2.29
C LEU B 168 28.13 32.65 1.25
N HIS B 169 29.05 31.81 1.69
CA HIS B 169 30.04 31.20 0.81
C HIS B 169 29.47 30.32 -0.29
N ASN B 170 28.21 29.82 -0.24
CA ASN B 170 27.75 28.98 -1.36
C ASN B 170 26.38 29.27 -1.89
N ILE B 171 25.64 30.25 -1.37
CA ILE B 171 24.30 30.51 -1.90
C ILE B 171 24.35 30.82 -3.38
N ARG B 172 25.42 31.47 -3.87
CA ARG B 172 25.42 31.76 -5.32
C ARG B 172 25.57 30.50 -6.17
N ASP B 173 26.31 29.50 -5.71
CA ASP B 173 26.42 28.24 -6.49
C ASP B 173 25.07 27.57 -6.66
N TYR B 174 24.15 27.66 -5.65
CA TYR B 174 22.84 27.00 -5.87
C TYR B 174 21.94 27.83 -6.74
N LEU B 175 21.99 29.17 -6.60
CA LEU B 175 21.06 30.04 -7.34
C LEU B 175 21.42 30.15 -8.80
N ALA B 176 22.65 29.79 -9.15
CA ALA B 176 23.01 29.78 -10.59
C ALA B 176 22.27 28.68 -11.35
N ILE B 177 21.69 27.67 -10.70
CA ILE B 177 20.89 26.62 -11.36
C ILE B 177 19.48 27.12 -11.53
N PRO B 178 19.00 27.20 -12.75
CA PRO B 178 17.69 27.68 -13.10
C PRO B 178 16.55 27.00 -12.41
N ASN B 179 16.55 25.69 -12.23
CA ASN B 179 15.45 24.99 -11.55
C ASN B 179 15.38 25.30 -10.06
N ILE B 180 16.42 25.85 -9.46
CA ILE B 180 16.42 26.27 -8.06
C ILE B 180 15.62 27.55 -7.86
N VAL B 181 14.56 27.44 -7.05
CA VAL B 181 13.65 28.55 -6.80
C VAL B 181 14.16 29.50 -5.72
N ALA B 182 14.60 28.94 -4.59
CA ALA B 182 15.01 29.77 -3.45
C ALA B 182 15.62 28.86 -2.40
N CYS B 183 16.53 29.32 -1.56
CA CYS B 183 17.17 28.51 -0.56
C CYS B 183 16.72 28.88 0.84
N GLY B 184 16.85 27.98 1.80
CA GLY B 184 16.49 28.21 3.17
C GLY B 184 17.75 28.26 4.02
N GLY B 185 17.75 29.17 5.03
CA GLY B 185 18.91 29.33 5.89
C GLY B 185 18.49 30.06 7.18
N SER B 186 19.32 29.89 8.20
CA SER B 186 19.03 30.56 9.48
C SER B 186 20.21 31.34 10.03
N TRP B 187 21.36 31.37 9.34
CA TRP B 187 22.50 32.13 9.90
C TRP B 187 22.17 33.58 10.12
N PHE B 188 21.40 34.26 9.29
CA PHE B 188 21.04 35.65 9.49
C PHE B 188 19.86 35.89 10.42
N VAL B 189 19.33 34.91 11.13
CA VAL B 189 18.24 35.09 12.08
C VAL B 189 18.53 34.06 13.20
N GLU B 190 19.81 33.97 13.55
CA GLU B 190 20.26 32.98 14.53
C GLU B 190 19.74 33.14 15.94
N LYS B 191 19.61 32.01 16.66
CA LYS B 191 19.09 31.95 18.01
C LYS B 191 19.54 33.08 18.94
N LYS B 192 20.84 33.11 19.26
CA LYS B 192 21.44 34.10 20.11
C LYS B 192 21.02 35.52 19.77
N LEU B 193 21.02 35.87 18.50
CA LEU B 193 20.65 37.20 18.05
C LEU B 193 19.19 37.53 18.36
N ILE B 194 18.30 36.54 18.28
CA ILE B 194 16.89 36.74 18.56
C ILE B 194 16.68 37.00 20.06
N GLN B 195 17.16 36.08 20.89
CA GLN B 195 17.02 36.18 22.33
C GLN B 195 17.60 37.46 22.90
N SER B 196 18.72 37.94 22.34
CA SER B 196 19.26 39.22 22.86
C SER B 196 18.66 40.38 22.08
N ASN B 197 17.61 40.12 21.32
CA ASN B 197 16.88 41.13 20.58
C ASN B 197 17.80 42.01 19.76
N ASN B 198 18.76 41.41 19.09
CA ASN B 198 19.71 42.17 18.27
C ASN B 198 19.11 42.41 16.90
N TRP B 199 18.13 43.32 16.83
CA TRP B 199 17.45 43.61 15.58
C TRP B 199 18.34 44.28 14.55
N ASP B 200 19.43 44.91 14.97
CA ASP B 200 20.33 45.56 14.03
C ASP B 200 21.33 44.58 13.44
N GLU B 201 21.86 43.67 14.26
CA GLU B 201 22.82 42.70 13.73
C GLU B 201 22.12 41.80 12.70
N ILE B 202 20.85 41.49 12.96
CA ILE B 202 20.04 40.67 12.08
C ILE B 202 19.81 41.42 10.78
N GLY B 203 19.40 42.69 10.87
CA GLY B 203 19.15 43.51 9.70
C GLY B 203 20.39 43.68 8.82
N ARG B 204 21.57 43.64 9.44
CA ARG B 204 22.83 43.78 8.68
C ARG B 204 23.07 42.51 7.86
N LEU B 205 22.91 41.36 8.48
CA LEU B 205 23.06 40.06 7.80
C LEU B 205 22.05 39.84 6.70
N VAL B 206 20.84 40.36 6.84
CA VAL B 206 19.82 40.22 5.78
C VAL B 206 20.25 41.00 4.56
N ARG B 207 20.75 42.23 4.78
CA ARG B 207 21.17 43.05 3.62
C ARG B 207 22.39 42.44 2.97
N GLU B 208 23.33 41.90 3.72
CA GLU B 208 24.52 41.24 3.34
C GLU B 208 24.23 40.04 2.41
N VAL B 209 23.15 39.27 2.68
CA VAL B 209 22.89 38.10 1.83
C VAL B 209 22.13 38.52 0.60
N ILE B 210 21.21 39.49 0.75
CA ILE B 210 20.45 39.95 -0.43
C ILE B 210 21.40 40.59 -1.45
N ASP B 211 22.42 41.31 -0.93
CA ASP B 211 23.40 41.94 -1.83
C ASP B 211 24.28 40.90 -2.52
N ILE B 212 24.85 39.93 -1.78
CA ILE B 212 25.67 38.91 -2.42
C ILE B 212 24.91 38.15 -3.50
N ILE B 213 23.62 37.91 -3.31
CA ILE B 213 22.78 37.24 -4.30
C ILE B 213 22.67 38.11 -5.55
N LYS B 214 22.34 39.39 -5.37
CA LYS B 214 22.19 40.27 -6.52
C LYS B 214 23.50 40.90 -6.99
N GLU B 215 24.59 40.16 -7.06
CA GLU B 215 25.90 40.55 -7.48
C GLU B 215 26.50 39.59 -8.51
N SER C 4 12.32 -13.16 -27.83
CA SER C 4 12.65 -12.08 -26.86
C SER C 4 13.43 -12.57 -25.65
N TYR C 5 14.54 -11.86 -25.39
CA TYR C 5 15.44 -12.21 -24.30
C TYR C 5 14.81 -12.08 -22.93
N THR C 6 15.16 -12.99 -22.01
CA THR C 6 14.65 -12.81 -20.65
C THR C 6 15.59 -11.82 -19.92
N THR C 7 15.25 -11.46 -18.70
CA THR C 7 16.07 -10.47 -17.98
C THR C 7 17.49 -10.97 -17.77
N GLN C 8 17.62 -12.23 -17.36
CA GLN C 8 18.91 -12.81 -17.01
C GLN C 8 19.79 -12.96 -18.22
N GLN C 9 19.23 -13.31 -19.39
CA GLN C 9 20.02 -13.36 -20.60
C GLN C 9 20.54 -11.97 -20.95
N ILE C 10 19.71 -10.95 -20.82
CA ILE C 10 20.17 -9.57 -21.09
C ILE C 10 21.31 -9.17 -20.13
N ILE C 11 21.20 -9.51 -18.85
CA ILE C 11 22.27 -9.19 -17.91
C ILE C 11 23.57 -9.86 -18.38
N GLU C 12 23.50 -11.12 -18.80
CA GLU C 12 24.72 -11.81 -19.29
C GLU C 12 25.31 -11.20 -20.54
N LYS C 13 24.49 -10.71 -21.48
CA LYS C 13 25.05 -9.97 -22.62
C LYS C 13 25.73 -8.67 -22.20
N LEU C 14 25.10 -7.96 -21.25
CA LEU C 14 25.70 -6.68 -20.81
C LEU C 14 27.02 -6.93 -20.11
N ARG C 15 27.11 -8.11 -19.46
CA ARG C 15 28.36 -8.46 -18.78
C ARG C 15 29.51 -8.68 -19.76
N GLU C 16 29.26 -9.07 -21.00
CA GLU C 16 30.29 -9.20 -22.02
C GLU C 16 30.61 -7.80 -22.59
N LEU C 17 29.59 -6.92 -22.65
CA LEU C 17 29.81 -5.59 -23.24
C LEU C 17 30.52 -4.66 -22.28
N LYS C 18 30.09 -4.61 -21.01
CA LYS C 18 30.75 -3.80 -20.01
C LYS C 18 30.56 -2.31 -20.09
N ILE C 19 30.23 -1.79 -21.25
CA ILE C 19 30.05 -0.33 -21.35
C ILE C 19 28.89 -0.08 -22.26
N VAL C 20 27.91 0.70 -21.82
CA VAL C 20 26.71 0.96 -22.59
C VAL C 20 26.62 2.44 -22.94
N PRO C 21 26.49 2.79 -24.22
CA PRO C 21 26.28 4.18 -24.60
C PRO C 21 24.87 4.68 -24.32
N VAL C 22 24.75 5.80 -23.60
CA VAL C 22 23.48 6.47 -23.28
C VAL C 22 23.37 7.64 -24.24
N ILE C 23 22.45 7.54 -25.16
CA ILE C 23 22.27 8.38 -26.31
C ILE C 23 21.03 9.25 -26.26
N ALA C 24 21.29 10.54 -26.38
CA ALA C 24 20.19 11.49 -26.54
C ALA C 24 20.35 12.12 -27.94
N LEU C 25 19.32 12.09 -28.76
CA LEU C 25 19.51 12.71 -30.08
C LEU C 25 18.32 13.56 -30.47
N ASP C 26 18.61 14.55 -31.29
CA ASP C 26 17.61 15.45 -31.85
C ASP C 26 16.96 14.89 -33.10
N ASN C 27 17.73 14.31 -33.99
CA ASN C 27 17.24 13.74 -35.24
C ASN C 27 17.32 12.21 -35.15
N ALA C 28 16.15 11.57 -35.21
CA ALA C 28 16.05 10.13 -35.09
C ALA C 28 16.82 9.42 -36.18
N ASP C 29 16.80 9.92 -37.42
CA ASP C 29 17.56 9.32 -38.50
C ASP C 29 19.02 9.14 -38.22
N ASP C 30 19.67 9.86 -37.30
CA ASP C 30 21.07 9.68 -36.96
C ASP C 30 21.35 8.35 -36.27
N ILE C 31 20.34 7.68 -35.72
CA ILE C 31 20.60 6.39 -35.06
C ILE C 31 21.25 5.38 -35.99
N LEU C 32 21.06 5.44 -37.30
CA LEU C 32 21.63 4.50 -38.28
C LEU C 32 23.13 4.59 -38.46
N PRO C 33 23.65 5.76 -38.78
CA PRO C 33 25.09 5.95 -38.89
C PRO C 33 25.76 5.82 -37.53
N LEU C 34 25.03 6.23 -36.45
CA LEU C 34 25.58 6.08 -35.11
C LEU C 34 25.69 4.60 -34.75
N ALA C 35 24.64 3.80 -34.90
CA ALA C 35 24.76 2.35 -34.63
C ALA C 35 25.78 1.66 -35.56
N ASP C 36 25.84 2.05 -36.83
CA ASP C 36 26.90 1.50 -37.71
C ASP C 36 28.28 1.77 -37.13
N THR C 37 28.52 3.02 -36.73
CA THR C 37 29.80 3.33 -36.07
C THR C 37 30.03 2.53 -34.82
N LEU C 38 29.01 2.31 -33.94
CA LEU C 38 29.19 1.49 -32.74
C LEU C 38 29.46 0.02 -33.08
N ALA C 39 28.67 -0.60 -33.95
CA ALA C 39 28.80 -1.98 -34.37
C ALA C 39 30.17 -2.28 -35.01
N LYS C 40 30.60 -1.40 -35.91
CA LYS C 40 31.89 -1.51 -36.58
C LYS C 40 33.02 -1.57 -35.55
N ASN C 41 32.90 -0.73 -34.50
CA ASN C 41 33.98 -0.72 -33.51
C ASN C 41 33.81 -1.69 -32.37
N GLY C 42 32.86 -2.62 -32.42
CA GLY C 42 32.73 -3.61 -31.36
C GLY C 42 31.68 -3.40 -30.28
N LEU C 43 30.73 -2.48 -30.48
CA LEU C 43 29.74 -2.25 -29.41
C LEU C 43 28.33 -2.20 -29.96
N SER C 44 27.68 -3.34 -30.10
CA SER C 44 26.33 -3.42 -30.62
C SER C 44 25.26 -3.38 -29.51
N VAL C 45 25.24 -2.23 -28.80
CA VAL C 45 24.26 -1.99 -27.76
C VAL C 45 23.98 -0.48 -27.63
N ALA C 46 22.73 -0.06 -27.32
CA ALA C 46 22.46 1.33 -27.05
C ALA C 46 21.27 1.53 -26.09
N GLU C 47 21.38 2.54 -25.28
CA GLU C 47 20.32 2.95 -24.35
C GLU C 47 19.83 4.30 -24.84
N ILE C 48 18.69 4.33 -25.49
CA ILE C 48 18.15 5.56 -26.09
C ILE C 48 17.25 6.22 -25.03
N THR C 49 17.65 7.41 -24.59
CA THR C 49 16.84 8.08 -23.54
C THR C 49 15.61 8.75 -24.02
N PHE C 50 14.48 8.56 -23.28
CA PHE C 50 13.25 9.29 -23.55
C PHE C 50 13.36 10.78 -23.18
N ARG C 51 14.53 11.26 -22.75
CA ARG C 51 14.78 12.68 -22.56
C ARG C 51 14.71 13.36 -23.94
N SER C 52 14.97 12.60 -25.00
CA SER C 52 14.84 13.10 -26.36
C SER C 52 13.43 12.73 -26.86
N GLU C 53 12.74 13.62 -27.56
CA GLU C 53 11.43 13.37 -28.13
C GLU C 53 11.56 12.43 -29.32
N ALA C 54 12.75 12.30 -29.87
CA ALA C 54 13.03 11.44 -31.02
C ALA C 54 13.26 9.98 -30.66
N ALA C 55 13.21 9.66 -29.38
CA ALA C 55 13.44 8.36 -28.82
C ALA C 55 12.71 7.18 -29.43
N ALA C 56 11.38 7.24 -29.50
CA ALA C 56 10.60 6.11 -29.99
C ALA C 56 10.80 5.87 -31.48
N ASP C 57 10.85 6.92 -32.30
CA ASP C 57 11.12 6.75 -33.73
C ASP C 57 12.52 6.15 -33.90
N ALA C 58 13.50 6.62 -33.14
CA ALA C 58 14.87 6.09 -33.24
C ALA C 58 14.95 4.60 -32.88
N ILE C 59 14.20 4.15 -31.90
CA ILE C 59 14.24 2.73 -31.47
C ILE C 59 13.61 1.90 -32.60
N ARG C 60 12.51 2.41 -33.16
CA ARG C 60 11.82 1.70 -34.25
C ARG C 60 12.70 1.57 -35.47
N LEU C 61 13.28 2.68 -35.90
CA LEU C 61 14.18 2.70 -37.05
C LEU C 61 15.34 1.74 -36.84
N LEU C 62 16.03 1.80 -35.70
CA LEU C 62 17.13 0.90 -35.40
C LEU C 62 16.72 -0.56 -35.39
N ARG C 63 15.58 -0.93 -34.80
CA ARG C 63 15.17 -2.33 -34.79
C ARG C 63 14.93 -2.83 -36.22
N ALA C 64 14.40 -2.00 -37.12
CA ALA C 64 14.20 -2.40 -38.50
C ALA C 64 15.54 -2.55 -39.24
N ASN C 65 16.44 -1.60 -39.17
CA ASN C 65 17.72 -1.70 -39.89
C ASN C 65 18.66 -2.74 -39.34
N ARG C 66 18.71 -2.98 -38.02
CA ARG C 66 19.60 -3.96 -37.39
C ARG C 66 18.82 -4.75 -36.35
N PRO C 67 18.22 -5.85 -36.82
CA PRO C 67 17.34 -6.67 -36.02
C PRO C 67 17.97 -7.37 -34.86
N ASP C 68 19.30 -7.48 -34.77
CA ASP C 68 19.90 -8.18 -33.65
C ASP C 68 20.52 -7.20 -32.64
N PHE C 69 20.35 -5.90 -32.86
CA PHE C 69 21.04 -4.95 -31.93
C PHE C 69 20.39 -4.97 -30.57
N LEU C 70 21.13 -4.84 -29.48
CA LEU C 70 20.49 -4.81 -28.14
C LEU C 70 20.09 -3.35 -27.84
N ILE C 71 18.77 -3.14 -27.63
CA ILE C 71 18.23 -1.80 -27.41
C ILE C 71 17.50 -1.64 -26.08
N ALA C 72 17.91 -0.62 -25.31
CA ALA C 72 17.24 -0.31 -24.03
C ALA C 72 16.54 1.05 -24.17
N ALA C 73 15.35 1.16 -23.57
CA ALA C 73 14.66 2.45 -23.51
C ALA C 73 15.00 3.07 -22.13
N GLY C 74 15.65 4.22 -22.10
CA GLY C 74 16.06 4.81 -20.80
C GLY C 74 15.17 5.95 -20.33
N THR C 75 15.40 6.38 -19.07
CA THR C 75 14.60 7.43 -18.45
C THR C 75 13.08 7.22 -18.59
N VAL C 76 12.56 6.03 -18.45
CA VAL C 76 11.14 5.69 -18.61
C VAL C 76 10.47 6.00 -17.26
N LEU C 77 9.61 7.04 -17.26
CA LEU C 77 8.93 7.46 -16.04
C LEU C 77 7.42 7.20 -16.05
N THR C 78 6.75 7.02 -17.19
CA THR C 78 5.31 6.84 -17.24
C THR C 78 4.82 5.56 -17.88
N ALA C 79 3.56 5.16 -17.58
CA ALA C 79 2.96 3.97 -18.23
C ALA C 79 2.87 4.14 -19.70
N GLU C 80 2.53 5.33 -20.21
CA GLU C 80 2.51 5.54 -21.65
C GLU C 80 3.90 5.27 -22.27
N GLN C 81 4.97 5.66 -21.60
CA GLN C 81 6.30 5.41 -22.19
C GLN C 81 6.61 3.91 -22.18
N VAL C 82 6.23 3.20 -21.14
CA VAL C 82 6.43 1.75 -21.06
C VAL C 82 5.77 1.13 -22.29
N VAL C 83 4.45 1.36 -22.49
CA VAL C 83 3.71 0.80 -23.63
C VAL C 83 4.34 1.14 -24.96
N LEU C 84 4.75 2.43 -25.15
CA LEU C 84 5.35 2.83 -26.41
C LEU C 84 6.73 2.22 -26.64
N ALA C 85 7.51 2.04 -25.57
CA ALA C 85 8.84 1.46 -25.66
C ALA C 85 8.73 0.00 -26.12
N LYS C 86 7.71 -0.69 -25.63
CA LYS C 86 7.46 -2.06 -25.97
C LYS C 86 7.08 -2.23 -27.44
N SER C 87 6.09 -1.46 -27.90
CA SER C 87 5.68 -1.56 -29.32
C SER C 87 6.73 -1.02 -30.27
N SER C 88 7.64 -0.16 -29.84
CA SER C 88 8.69 0.40 -30.66
C SER C 88 9.76 -0.64 -30.95
N GLY C 89 9.90 -1.63 -30.05
CA GLY C 89 10.82 -2.70 -30.22
C GLY C 89 12.00 -2.75 -29.30
N ALA C 90 12.00 -2.08 -28.15
CA ALA C 90 13.16 -2.09 -27.26
C ALA C 90 13.25 -3.47 -26.58
N ASP C 91 14.42 -3.91 -26.20
CA ASP C 91 14.57 -5.19 -25.49
C ASP C 91 14.33 -5.04 -24.00
N PHE C 92 14.68 -3.89 -23.37
CA PHE C 92 14.40 -3.78 -21.92
C PHE C 92 14.20 -2.31 -21.53
N VAL C 93 13.83 -2.02 -20.31
CA VAL C 93 13.61 -0.66 -19.83
C VAL C 93 14.60 -0.34 -18.74
N VAL C 94 15.08 0.90 -18.74
CA VAL C 94 15.98 1.40 -17.71
C VAL C 94 15.36 2.62 -17.04
N THR C 95 15.42 2.75 -15.72
CA THR C 95 14.80 3.87 -15.02
C THR C 95 15.80 4.50 -14.05
N PRO C 96 15.68 5.81 -13.74
CA PRO C 96 16.64 6.45 -12.85
C PRO C 96 16.40 6.08 -11.41
N GLY C 97 15.11 5.90 -11.04
CA GLY C 97 14.76 5.50 -9.69
C GLY C 97 13.78 4.30 -9.83
N LEU C 98 13.10 3.99 -8.73
CA LEU C 98 12.23 2.84 -8.71
C LEU C 98 10.82 3.24 -8.33
N ASN C 99 9.93 3.17 -9.35
CA ASN C 99 8.50 3.47 -9.07
C ASN C 99 7.84 2.09 -9.12
N PRO C 100 7.21 1.64 -8.04
CA PRO C 100 6.68 0.26 -7.95
C PRO C 100 5.62 0.02 -8.97
N LYS C 101 4.89 1.07 -9.39
CA LYS C 101 3.85 0.90 -10.39
C LYS C 101 4.44 0.66 -11.78
N ILE C 102 5.61 1.25 -12.04
CA ILE C 102 6.24 1.06 -13.38
C ILE C 102 6.89 -0.30 -13.45
N VAL C 103 7.55 -0.71 -12.36
CA VAL C 103 8.17 -2.03 -12.34
C VAL C 103 7.11 -3.11 -12.50
N LYS C 104 6.02 -3.02 -11.70
CA LYS C 104 4.95 -4.03 -11.85
C LYS C 104 4.41 -4.08 -13.23
N LEU C 105 4.08 -2.95 -13.90
CA LEU C 105 3.63 -3.03 -15.27
C LEU C 105 4.56 -3.73 -16.22
N CYS C 106 5.91 -3.44 -16.11
CA CYS C 106 6.88 -4.14 -16.97
C CYS C 106 6.83 -5.65 -16.72
N GLN C 107 6.78 -6.08 -15.45
CA GLN C 107 6.70 -7.51 -15.14
C GLN C 107 5.38 -8.12 -15.61
N ASP C 108 4.27 -7.34 -15.65
CA ASP C 108 2.97 -7.89 -16.09
C ASP C 108 2.89 -7.97 -17.60
N LEU C 109 3.86 -7.31 -18.28
CA LEU C 109 3.94 -7.30 -19.73
C LEU C 109 5.13 -8.13 -20.19
N ASN C 110 5.71 -8.96 -19.29
CA ASN C 110 6.88 -9.78 -19.67
C ASN C 110 7.94 -8.93 -20.37
N PHE C 111 8.25 -7.78 -19.75
CA PHE C 111 9.20 -6.84 -20.36
C PHE C 111 10.31 -6.56 -19.36
N PRO C 112 11.53 -6.99 -19.64
CA PRO C 112 12.65 -6.83 -18.75
C PRO C 112 12.91 -5.39 -18.33
N ILE C 113 13.16 -5.17 -17.05
CA ILE C 113 13.44 -3.80 -16.53
C ILE C 113 14.55 -3.79 -15.51
N THR C 114 15.55 -2.85 -15.59
CA THR C 114 16.59 -2.71 -14.60
C THR C 114 16.35 -1.33 -13.93
N PRO C 115 15.60 -1.26 -12.82
CA PRO C 115 15.32 0.01 -12.19
C PRO C 115 16.49 0.54 -11.38
N GLY C 116 16.50 1.84 -11.08
CA GLY C 116 17.57 2.42 -10.31
C GLY C 116 17.36 2.58 -8.84
N VAL C 117 18.44 2.41 -8.07
CA VAL C 117 18.45 2.61 -6.63
C VAL C 117 19.76 3.38 -6.24
N ASN C 118 19.82 3.87 -5.01
CA ASN C 118 21.04 4.47 -4.46
C ASN C 118 21.15 4.33 -2.96
N ASN C 119 20.24 3.62 -2.29
CA ASN C 119 20.33 3.47 -0.81
C ASN C 119 19.75 2.14 -0.38
N PRO C 120 19.89 1.70 0.86
CA PRO C 120 19.35 0.44 1.28
C PRO C 120 17.82 0.33 1.19
N ALA C 122 15.75 1.51 -1.06
CA ALA C 122 15.40 1.21 -2.47
C ALA C 122 15.84 -0.19 -2.88
N ILE C 123 16.98 -0.64 -2.42
CA ILE C 123 17.38 -2.03 -2.70
C ILE C 123 16.39 -3.02 -2.08
N GLU C 124 15.94 -2.81 -0.83
CA GLU C 124 14.96 -3.71 -0.22
C GLU C 124 13.68 -3.84 -0.98
N ILE C 125 13.14 -2.71 -1.50
CA ILE C 125 11.95 -2.80 -2.34
C ILE C 125 12.21 -3.59 -3.63
N ALA C 126 13.33 -3.37 -4.29
CA ALA C 126 13.67 -4.13 -5.51
C ALA C 126 13.72 -5.62 -5.19
N LEU C 127 14.35 -6.01 -4.08
CA LEU C 127 14.43 -7.43 -3.73
C LEU C 127 13.06 -7.99 -3.37
N GLU C 128 12.19 -7.17 -2.76
CA GLU C 128 10.85 -7.61 -2.41
C GLU C 128 10.05 -7.87 -3.67
N GLY C 130 11.24 -9.19 -6.45
CA GLY C 130 11.95 -10.20 -7.24
C GLY C 130 13.01 -9.66 -8.17
N ILE C 131 13.60 -8.49 -7.89
CA ILE C 131 14.63 -7.90 -8.75
C ILE C 131 15.99 -7.96 -8.09
N SER C 132 16.98 -8.51 -8.84
CA SER C 132 18.34 -8.55 -8.28
C SER C 132 19.35 -7.86 -9.18
N ALA C 133 18.95 -7.27 -10.28
CA ALA C 133 19.83 -6.56 -11.17
C ALA C 133 19.29 -5.12 -11.30
N VAL C 134 20.04 -4.18 -10.70
CA VAL C 134 19.63 -2.80 -10.66
C VAL C 134 20.67 -1.82 -11.17
N LYS C 135 20.19 -0.68 -11.71
CA LYS C 135 21.01 0.43 -12.08
C LYS C 135 21.40 1.18 -10.78
N PHE C 136 22.63 1.60 -10.63
CA PHE C 136 23.02 2.41 -9.43
C PHE C 136 23.18 3.85 -9.98
N PHE C 137 22.32 4.77 -9.53
CA PHE C 137 22.28 6.16 -10.02
C PHE C 137 21.82 7.13 -8.93
N PRO C 138 22.43 8.31 -8.85
CA PRO C 138 23.56 8.75 -9.70
C PRO C 138 24.82 8.22 -9.05
N ALA C 139 25.70 7.50 -9.81
CA ALA C 139 26.77 6.78 -9.12
C ALA C 139 27.81 7.66 -8.41
N GLU C 140 28.48 8.55 -9.08
CA GLU C 140 29.51 9.39 -8.41
C GLU C 140 28.89 10.32 -7.34
N ALA C 141 27.84 11.05 -7.63
CA ALA C 141 27.22 11.90 -6.59
C ALA C 141 26.66 11.15 -5.42
N SER C 142 26.33 9.87 -5.47
CA SER C 142 25.83 9.13 -4.32
C SER C 142 26.94 8.55 -3.51
N GLY C 143 28.24 8.77 -3.92
CA GLY C 143 29.29 8.19 -3.04
C GLY C 143 30.21 7.26 -3.85
N GLY C 144 29.90 7.02 -5.12
CA GLY C 144 30.76 6.20 -5.98
C GLY C 144 31.09 4.80 -5.56
N VAL C 145 32.28 4.33 -5.93
CA VAL C 145 32.80 3.00 -5.59
C VAL C 145 32.75 2.72 -4.12
N LYS C 146 33.17 3.71 -3.26
CA LYS C 146 33.05 3.43 -1.82
C LYS C 146 31.59 3.17 -1.39
N ILE C 148 29.08 1.85 -3.21
CA ILE C 148 28.85 0.52 -3.77
C ILE C 148 29.50 -0.59 -2.98
N LYS C 149 30.79 -0.47 -2.65
CA LYS C 149 31.40 -1.51 -1.79
C LYS C 149 30.69 -1.58 -0.44
N ALA C 150 30.24 -0.45 0.10
CA ALA C 150 29.59 -0.56 1.44
C ALA C 150 28.24 -1.30 1.27
N LEU C 151 27.54 -1.05 0.17
CA LEU C 151 26.25 -1.73 -0.05
C LEU C 151 26.36 -3.23 -0.29
N LEU C 152 27.45 -3.69 -0.90
CA LEU C 152 27.72 -5.05 -1.23
C LEU C 152 28.11 -5.90 -0.03
N GLY C 153 28.32 -5.31 1.15
CA GLY C 153 28.54 -6.11 2.37
C GLY C 153 27.29 -6.94 2.69
N PRO C 154 26.13 -6.32 2.94
CA PRO C 154 24.90 -7.04 3.22
C PRO C 154 24.16 -7.61 2.03
N TYR C 155 24.13 -6.89 0.94
CA TYR C 155 23.41 -7.32 -0.30
C TYR C 155 24.41 -7.91 -1.27
N ALA C 156 25.10 -8.97 -0.83
CA ALA C 156 26.21 -9.53 -1.60
C ALA C 156 25.82 -10.20 -2.90
N GLN C 157 24.53 -10.35 -3.21
CA GLN C 157 24.18 -10.97 -4.47
C GLN C 157 23.69 -9.97 -5.50
N LEU C 158 23.52 -8.70 -5.14
CA LEU C 158 23.07 -7.77 -6.18
C LEU C 158 23.98 -7.74 -7.40
N GLN C 159 23.44 -7.52 -8.58
CA GLN C 159 24.17 -7.33 -9.82
C GLN C 159 23.96 -5.84 -10.18
N ILE C 160 25.00 -5.04 -10.22
CA ILE C 160 24.87 -3.58 -10.39
C ILE C 160 25.32 -3.01 -11.69
N PRO C 162 26.23 0.73 -12.78
CA PRO C 162 26.40 2.15 -12.47
C PRO C 162 26.27 3.13 -13.62
N THR C 163 25.64 4.28 -13.39
CA THR C 163 25.50 5.35 -14.41
C THR C 163 25.58 6.68 -13.65
N GLY C 164 26.20 7.73 -14.17
CA GLY C 164 26.31 9.01 -13.49
C GLY C 164 27.73 9.32 -13.05
N GLY C 165 28.37 10.23 -13.81
CA GLY C 165 29.76 10.64 -13.47
C GLY C 165 30.81 9.67 -13.98
N ILE C 166 30.43 8.61 -14.71
CA ILE C 166 31.37 7.63 -15.22
C ILE C 166 32.20 8.18 -16.41
N GLY C 167 33.51 7.98 -16.33
CA GLY C 167 34.32 8.46 -17.51
C GLY C 167 35.52 7.54 -17.68
N LEU C 168 36.41 7.96 -18.63
CA LEU C 168 37.64 7.17 -18.83
C LEU C 168 38.45 6.99 -17.58
N HIS C 169 38.49 8.04 -16.74
CA HIS C 169 39.27 8.02 -15.52
C HIS C 169 38.77 7.15 -14.40
N ASN C 170 37.52 6.70 -14.39
CA ASN C 170 37.05 5.84 -13.31
C ASN C 170 36.34 4.58 -13.85
N ILE C 171 36.21 4.41 -15.17
CA ILE C 171 35.52 3.16 -15.58
C ILE C 171 36.20 1.90 -15.07
N ARG C 172 37.54 1.86 -14.98
CA ARG C 172 38.21 0.66 -14.49
C ARG C 172 38.04 0.45 -13.02
N ASP C 173 37.86 1.51 -12.21
CA ASP C 173 37.66 1.30 -10.78
C ASP C 173 36.29 0.64 -10.53
N TYR C 174 35.31 0.97 -11.34
CA TYR C 174 33.96 0.32 -11.19
C TYR C 174 33.97 -1.13 -11.68
N LEU C 175 34.60 -1.40 -12.84
CA LEU C 175 34.64 -2.73 -13.45
C LEU C 175 35.49 -3.70 -12.68
N ALA C 176 36.32 -3.22 -11.72
CA ALA C 176 37.10 -4.13 -10.89
C ALA C 176 36.25 -4.84 -9.86
N ILE C 177 35.05 -4.31 -9.56
CA ILE C 177 34.18 -4.98 -8.57
C ILE C 177 33.34 -6.03 -9.29
N PRO C 178 33.46 -7.28 -8.90
CA PRO C 178 32.80 -8.39 -9.54
C PRO C 178 31.32 -8.32 -9.76
N ASN C 179 30.55 -7.77 -8.81
CA ASN C 179 29.11 -7.68 -8.93
C ASN C 179 28.72 -6.61 -9.94
N ILE C 180 29.65 -5.77 -10.37
CA ILE C 180 29.34 -4.75 -11.35
C ILE C 180 29.35 -5.37 -12.75
N VAL C 181 28.18 -5.35 -13.39
CA VAL C 181 27.99 -5.92 -14.71
C VAL C 181 28.53 -5.08 -15.83
N ALA C 182 28.11 -3.83 -15.90
CA ALA C 182 28.51 -2.91 -16.96
C ALA C 182 28.25 -1.47 -16.50
N CYS C 183 28.82 -0.49 -17.17
CA CYS C 183 28.51 0.91 -16.73
C CYS C 183 27.87 1.68 -17.84
N GLY C 184 27.09 2.72 -17.59
CA GLY C 184 26.55 3.50 -18.73
C GLY C 184 27.39 4.80 -18.86
N GLY C 185 27.55 5.30 -20.09
CA GLY C 185 28.31 6.53 -20.27
C GLY C 185 27.94 7.23 -21.58
N SER C 186 28.12 8.56 -21.62
CA SER C 186 27.80 9.30 -22.82
C SER C 186 28.95 10.11 -23.45
N TRP C 187 30.09 10.25 -22.83
CA TRP C 187 31.22 11.05 -23.40
C TRP C 187 31.66 10.58 -24.80
N PHE C 188 31.73 9.29 -25.10
CA PHE C 188 32.08 8.79 -26.43
C PHE C 188 30.97 8.92 -27.46
N VAL C 189 29.77 9.35 -27.08
CA VAL C 189 28.66 9.58 -28.00
C VAL C 189 28.11 10.99 -27.74
N GLU C 190 28.98 11.93 -27.41
CA GLU C 190 28.56 13.29 -27.07
C GLU C 190 27.59 13.92 -28.03
N LYS C 191 26.58 14.65 -27.51
CA LYS C 191 25.58 15.23 -28.40
C LYS C 191 26.14 16.13 -29.48
N LYS C 192 27.12 16.96 -29.18
CA LYS C 192 27.71 17.87 -30.15
C LYS C 192 28.30 17.12 -31.35
N LEU C 193 28.91 15.96 -31.11
CA LEU C 193 29.42 15.16 -32.24
C LEU C 193 28.28 14.64 -33.07
N ILE C 194 27.17 14.23 -32.47
CA ILE C 194 26.04 13.70 -33.25
C ILE C 194 25.40 14.82 -34.07
N GLN C 195 25.27 16.02 -33.50
CA GLN C 195 24.72 17.18 -34.18
C GLN C 195 25.54 17.58 -35.41
N SER C 196 26.82 17.30 -35.40
CA SER C 196 27.66 17.63 -36.54
C SER C 196 27.98 16.38 -37.36
N ASN C 197 27.32 15.25 -37.04
CA ASN C 197 27.60 14.02 -37.78
C ASN C 197 29.09 13.71 -37.86
N ASN C 198 29.82 13.80 -36.75
CA ASN C 198 31.24 13.52 -36.66
C ASN C 198 31.45 12.08 -36.26
N TRP C 199 31.02 11.15 -37.15
CA TRP C 199 31.12 9.73 -36.88
C TRP C 199 32.53 9.25 -36.67
N ASP C 200 33.55 9.81 -37.31
CA ASP C 200 34.94 9.39 -37.09
C ASP C 200 35.43 9.63 -35.66
N GLU C 201 35.14 10.79 -35.09
CA GLU C 201 35.56 11.06 -33.70
C GLU C 201 34.84 10.11 -32.73
N ILE C 202 33.58 9.78 -32.98
CA ILE C 202 32.83 8.81 -32.17
C ILE C 202 33.45 7.45 -32.23
N GLY C 203 33.89 7.03 -33.44
CA GLY C 203 34.52 5.72 -33.59
C GLY C 203 35.81 5.61 -32.79
N ARG C 204 36.58 6.69 -32.80
CA ARG C 204 37.86 6.73 -32.05
C ARG C 204 37.57 6.67 -30.54
N LEU C 205 36.63 7.53 -30.11
CA LEU C 205 36.35 7.51 -28.62
C LEU C 205 35.90 6.14 -28.16
N VAL C 206 35.09 5.45 -29.01
CA VAL C 206 34.65 4.09 -28.63
C VAL C 206 35.82 3.15 -28.55
N ARG C 207 36.75 3.20 -29.55
CA ARG C 207 37.93 2.33 -29.50
C ARG C 207 38.81 2.62 -28.29
N GLU C 208 38.97 3.89 -27.95
CA GLU C 208 39.74 4.26 -26.74
C GLU C 208 39.19 3.67 -25.46
N VAL C 209 37.84 3.73 -25.21
CA VAL C 209 37.32 3.17 -23.98
C VAL C 209 37.43 1.65 -23.99
N ILE C 210 37.18 1.07 -25.16
CA ILE C 210 37.27 -0.39 -25.26
C ILE C 210 38.68 -0.85 -24.91
N ASP C 211 39.69 -0.19 -25.48
CA ASP C 211 41.07 -0.56 -25.12
C ASP C 211 41.37 -0.32 -23.64
N ILE C 212 40.90 0.82 -23.08
CA ILE C 212 41.22 1.07 -21.67
C ILE C 212 40.73 -0.06 -20.77
N ILE C 213 39.51 -0.54 -21.06
CA ILE C 213 38.85 -1.59 -20.33
C ILE C 213 39.59 -2.92 -20.46
N LYS C 214 40.09 -3.22 -21.64
CA LYS C 214 40.82 -4.46 -21.89
C LYS C 214 42.15 -4.48 -21.12
N GLU C 215 42.75 -3.32 -20.92
CA GLU C 215 44.00 -3.20 -20.21
C GLU C 215 44.12 -3.84 -18.88
N SER D 4 -13.93 15.08 27.10
CA SER D 4 -14.20 14.28 25.85
C SER D 4 -14.21 12.77 26.10
N TYR D 5 -15.24 12.07 25.61
CA TYR D 5 -15.34 10.62 25.79
C TYR D 5 -14.45 9.82 24.85
N THR D 6 -13.89 8.72 25.32
CA THR D 6 -13.08 7.83 24.50
C THR D 6 -14.00 6.89 23.71
N THR D 7 -13.47 6.21 22.72
CA THR D 7 -14.31 5.32 21.90
C THR D 7 -15.08 4.35 22.76
N GLN D 8 -14.38 3.62 23.64
CA GLN D 8 -15.05 2.66 24.49
C GLN D 8 -16.06 3.25 25.42
N GLN D 9 -15.87 4.45 26.03
CA GLN D 9 -16.97 4.98 26.87
C GLN D 9 -18.16 5.23 25.96
N ILE D 10 -17.94 5.68 24.73
CA ILE D 10 -19.05 5.93 23.81
C ILE D 10 -19.77 4.61 23.44
N ILE D 11 -19.06 3.51 23.36
CA ILE D 11 -19.68 2.20 23.11
C ILE D 11 -20.60 1.85 24.29
N GLU D 12 -20.12 2.04 25.55
CA GLU D 12 -20.94 1.72 26.71
C GLU D 12 -22.16 2.62 26.84
N LYS D 13 -22.06 3.86 26.35
CA LYS D 13 -23.24 4.74 26.40
C LYS D 13 -24.27 4.30 25.40
N LEU D 14 -23.85 3.85 24.22
CA LEU D 14 -24.83 3.40 23.20
C LEU D 14 -25.45 2.08 23.66
N ARG D 15 -24.70 1.19 24.27
CA ARG D 15 -25.18 -0.08 24.82
C ARG D 15 -26.36 0.15 25.78
N GLU D 16 -26.34 1.26 26.51
CA GLU D 16 -27.44 1.65 27.40
C GLU D 16 -28.53 2.29 26.57
N LEU D 17 -28.25 2.97 25.46
CA LEU D 17 -29.37 3.60 24.71
C LEU D 17 -30.10 2.59 23.82
N LYS D 18 -29.34 1.67 23.22
CA LYS D 18 -29.83 0.60 22.36
C LYS D 18 -30.39 1.00 21.03
N ILE D 19 -30.75 2.26 20.83
CA ILE D 19 -31.36 2.75 19.63
C ILE D 19 -30.95 4.14 19.26
N VAL D 20 -30.32 4.28 18.07
CA VAL D 20 -29.86 5.58 17.63
C VAL D 20 -30.61 6.17 16.47
N PRO D 21 -31.13 7.39 16.62
CA PRO D 21 -31.79 8.09 15.55
C PRO D 21 -30.82 8.58 14.48
N VAL D 22 -31.04 8.18 13.23
CA VAL D 22 -30.21 8.68 12.11
C VAL D 22 -30.97 9.82 11.45
N ILE D 23 -30.51 11.05 11.51
CA ILE D 23 -31.24 12.22 11.05
C ILE D 23 -30.66 12.93 9.84
N ALA D 24 -31.55 13.24 8.89
CA ALA D 24 -31.21 14.02 7.71
C ALA D 24 -32.07 15.29 7.74
N LEU D 25 -31.52 16.46 7.59
CA LEU D 25 -32.24 17.72 7.68
C LEU D 25 -31.94 18.66 6.52
N ASP D 26 -32.91 19.50 6.22
CA ASP D 26 -32.71 20.52 5.18
C ASP D 26 -32.54 21.88 5.85
N ASN D 27 -33.08 22.01 7.07
CA ASN D 27 -32.94 23.28 7.81
C ASN D 27 -32.38 22.99 9.21
N ALA D 28 -31.16 23.44 9.44
CA ALA D 28 -30.39 23.24 10.65
C ALA D 28 -31.14 23.56 11.92
N ASP D 29 -31.95 24.63 11.92
CA ASP D 29 -32.69 25.10 13.08
C ASP D 29 -33.66 24.09 13.62
N ASP D 30 -34.12 23.17 12.76
CA ASP D 30 -35.06 22.14 13.16
C ASP D 30 -34.46 21.19 14.18
N ILE D 31 -33.13 21.15 14.32
CA ILE D 31 -32.49 20.23 15.26
C ILE D 31 -32.89 20.53 16.68
N LEU D 32 -33.17 21.79 17.02
CA LEU D 32 -33.53 22.12 18.43
C LEU D 32 -34.86 21.59 18.90
N PRO D 33 -35.97 21.85 18.21
CA PRO D 33 -37.26 21.25 18.58
C PRO D 33 -37.16 19.73 18.49
N LEU D 34 -36.47 19.24 17.42
CA LEU D 34 -36.31 17.80 17.24
C LEU D 34 -35.55 17.17 18.40
N ALA D 35 -34.46 17.83 18.80
CA ALA D 35 -33.72 17.28 19.96
C ALA D 35 -34.56 17.36 21.21
N ASP D 36 -35.37 18.43 21.34
CA ASP D 36 -36.27 18.58 22.49
C ASP D 36 -37.18 17.36 22.62
N THR D 37 -37.75 16.96 21.47
CA THR D 37 -38.66 15.80 21.40
C THR D 37 -37.97 14.50 21.74
N LEU D 38 -36.71 14.35 21.22
CA LEU D 38 -36.02 13.08 21.55
C LEU D 38 -35.73 13.02 23.04
N ALA D 39 -35.16 14.11 23.60
CA ALA D 39 -34.83 14.14 25.03
C ALA D 39 -36.00 13.93 25.95
N LYS D 40 -37.09 14.63 25.73
CA LYS D 40 -38.30 14.48 26.57
C LYS D 40 -38.79 13.05 26.56
N ASN D 41 -38.63 12.35 25.40
CA ASN D 41 -39.06 10.97 25.32
C ASN D 41 -38.00 9.96 25.62
N GLY D 42 -36.92 10.22 26.36
CA GLY D 42 -35.93 9.21 26.67
C GLY D 42 -34.75 9.01 25.73
N LEU D 43 -34.55 9.75 24.64
CA LEU D 43 -33.41 9.49 23.76
C LEU D 43 -32.49 10.69 23.57
N SER D 44 -31.46 10.84 24.38
CA SER D 44 -30.59 12.02 24.21
C SER D 44 -29.32 11.68 23.40
N VAL D 45 -29.58 11.25 22.15
CA VAL D 45 -28.47 10.85 21.25
C VAL D 45 -28.93 11.09 19.83
N ALA D 46 -28.02 11.42 18.91
CA ALA D 46 -28.38 11.59 17.53
C ALA D 46 -27.17 11.51 16.57
N GLU D 47 -27.40 10.78 15.48
CA GLU D 47 -26.49 10.64 14.37
C GLU D 47 -26.91 11.61 13.27
N ILE D 48 -26.19 12.68 13.03
CA ILE D 48 -26.56 13.68 12.02
C ILE D 48 -25.80 13.42 10.72
N THR D 49 -26.55 13.03 9.67
CA THR D 49 -25.83 12.70 8.39
C THR D 49 -25.31 13.84 7.63
N PHE D 50 -24.05 13.75 7.13
CA PHE D 50 -23.51 14.82 6.30
C PHE D 50 -24.07 14.75 4.87
N ARG D 51 -25.11 13.99 4.64
CA ARG D 51 -25.83 13.89 3.37
C ARG D 51 -26.68 15.15 3.15
N SER D 52 -26.59 16.09 4.07
CA SER D 52 -27.25 17.36 4.10
C SER D 52 -26.18 18.45 4.25
N GLU D 53 -26.31 19.54 3.50
CA GLU D 53 -25.39 20.65 3.67
C GLU D 53 -25.44 21.25 5.09
N ALA D 54 -26.60 21.15 5.71
CA ALA D 54 -26.90 21.71 7.00
C ALA D 54 -26.34 20.97 8.21
N ALA D 55 -25.72 19.83 7.96
CA ALA D 55 -25.18 18.97 9.00
C ALA D 55 -24.27 19.68 9.99
N ALA D 56 -23.19 20.31 9.52
CA ALA D 56 -22.27 21.01 10.39
C ALA D 56 -22.93 22.08 11.26
N ASP D 57 -23.73 22.96 10.68
CA ASP D 57 -24.43 23.96 11.51
C ASP D 57 -25.35 23.32 12.56
N ALA D 58 -26.00 22.24 12.20
CA ALA D 58 -26.91 21.55 13.10
C ALA D 58 -26.13 20.97 14.28
N ILE D 59 -24.96 20.38 14.01
CA ILE D 59 -24.22 19.82 15.16
C ILE D 59 -23.83 20.95 16.12
N ARG D 60 -23.34 22.06 15.59
CA ARG D 60 -22.93 23.21 16.39
C ARG D 60 -24.09 23.79 17.19
N LEU D 61 -25.28 23.94 16.61
CA LEU D 61 -26.40 24.50 17.34
C LEU D 61 -26.78 23.55 18.47
N LEU D 62 -26.87 22.25 18.15
CA LEU D 62 -27.24 21.27 19.16
C LEU D 62 -26.21 21.23 20.29
N ARG D 63 -24.92 21.24 20.03
CA ARG D 63 -23.91 21.21 21.07
C ARG D 63 -24.03 22.43 22.02
N ALA D 64 -24.39 23.57 21.46
CA ALA D 64 -24.51 24.83 22.19
C ALA D 64 -25.75 24.88 23.04
N ASN D 65 -26.85 24.22 22.67
CA ASN D 65 -28.11 24.23 23.34
C ASN D 65 -28.22 23.11 24.34
N ARG D 66 -27.62 21.96 23.99
CA ARG D 66 -27.63 20.80 24.86
C ARG D 66 -26.23 20.20 24.95
N PRO D 67 -25.35 20.81 25.76
CA PRO D 67 -23.98 20.41 25.86
C PRO D 67 -23.74 18.97 26.27
N ASP D 68 -24.64 18.26 26.92
CA ASP D 68 -24.39 16.89 27.35
C ASP D 68 -25.02 15.86 26.37
N PHE D 69 -25.66 16.28 25.32
CA PHE D 69 -26.24 15.34 24.32
C PHE D 69 -25.15 14.49 23.62
N LEU D 70 -25.46 13.26 23.27
CA LEU D 70 -24.43 12.42 22.53
C LEU D 70 -24.58 12.65 21.05
N ILE D 71 -23.56 13.16 20.33
CA ILE D 71 -23.75 13.50 18.94
C ILE D 71 -22.75 12.81 17.98
N ALA D 72 -23.26 12.07 17.00
CA ALA D 72 -22.34 11.48 15.98
C ALA D 72 -22.50 12.23 14.66
N ALA D 73 -21.40 12.35 13.92
CA ALA D 73 -21.46 12.95 12.58
C ALA D 73 -21.41 11.69 11.63
N GLY D 74 -22.45 11.53 10.83
CA GLY D 74 -22.57 10.33 10.00
C GLY D 74 -22.34 10.56 8.52
N THR D 75 -22.23 9.43 7.78
CA THR D 75 -21.96 9.50 6.32
C THR D 75 -20.76 10.36 6.00
N VAL D 76 -19.71 10.29 6.76
CA VAL D 76 -18.49 11.05 6.61
C VAL D 76 -17.56 10.32 5.59
N LEU D 77 -17.33 10.97 4.47
CA LEU D 77 -16.54 10.35 3.38
C LEU D 77 -15.23 11.07 3.05
N THR D 78 -15.01 12.30 3.49
CA THR D 78 -13.77 13.03 3.12
C THR D 78 -13.05 13.63 4.32
N ALA D 79 -11.76 13.90 4.08
CA ALA D 79 -10.95 14.56 5.13
C ALA D 79 -11.52 15.86 5.61
N GLU D 80 -11.96 16.72 4.73
CA GLU D 80 -12.58 17.97 5.10
C GLU D 80 -13.77 17.74 6.03
N GLN D 81 -14.58 16.70 5.73
CA GLN D 81 -15.71 16.41 6.60
C GLN D 81 -15.24 15.95 7.98
N VAL D 82 -14.11 15.24 8.06
CA VAL D 82 -13.65 14.81 9.39
C VAL D 82 -13.29 16.07 10.21
N VAL D 83 -12.45 16.94 9.66
CA VAL D 83 -12.00 18.17 10.34
C VAL D 83 -13.16 19.05 10.82
N LEU D 84 -14.15 19.26 9.97
CA LEU D 84 -15.34 20.01 10.21
C LEU D 84 -16.26 19.38 11.26
N ALA D 85 -16.42 18.05 11.26
CA ALA D 85 -17.23 17.35 12.26
C ALA D 85 -16.61 17.51 13.65
N LYS D 86 -15.28 17.52 13.71
CA LYS D 86 -14.58 17.69 14.98
C LYS D 86 -14.69 19.15 15.48
N SER D 87 -14.47 20.14 14.63
CA SER D 87 -14.56 21.55 15.07
C SER D 87 -16.02 21.95 15.32
N SER D 88 -17.00 21.24 14.78
CA SER D 88 -18.40 21.53 15.02
C SER D 88 -18.86 21.02 16.36
N GLY D 89 -18.21 20.00 16.96
CA GLY D 89 -18.63 19.56 18.28
C GLY D 89 -19.16 18.13 18.37
N ALA D 90 -19.00 17.33 17.27
CA ALA D 90 -19.48 15.95 17.35
C ALA D 90 -18.58 15.10 18.25
N ASP D 91 -19.20 14.20 19.02
CA ASP D 91 -18.45 13.26 19.85
C ASP D 91 -17.73 12.16 19.02
N PHE D 92 -18.37 11.63 17.95
CA PHE D 92 -17.70 10.59 17.18
C PHE D 92 -18.16 10.59 15.72
N VAL D 93 -17.42 9.81 14.90
CA VAL D 93 -17.68 9.70 13.47
C VAL D 93 -18.24 8.31 13.09
N VAL D 94 -19.20 8.30 12.22
CA VAL D 94 -19.77 7.03 11.71
C VAL D 94 -19.62 7.05 10.18
N THR D 95 -19.21 5.92 9.56
CA THR D 95 -19.07 5.84 8.11
C THR D 95 -19.81 4.63 7.56
N PRO D 96 -20.24 4.66 6.30
CA PRO D 96 -21.06 3.57 5.75
C PRO D 96 -20.18 2.40 5.37
N GLY D 97 -18.94 2.66 4.95
CA GLY D 97 -17.99 1.63 4.58
C GLY D 97 -16.68 1.98 5.32
N LEU D 98 -15.58 1.37 4.96
CA LEU D 98 -14.34 1.65 5.64
C LEU D 98 -13.29 2.16 4.65
N ASN D 99 -12.87 3.41 4.78
CA ASN D 99 -11.81 4.00 3.97
C ASN D 99 -10.61 4.15 4.88
N PRO D 100 -9.58 3.34 4.79
CA PRO D 100 -8.42 3.41 5.64
C PRO D 100 -7.88 4.83 5.84
N LYS D 101 -7.91 5.69 4.83
CA LYS D 101 -7.38 7.05 5.00
C LYS D 101 -8.20 7.76 6.09
N ILE D 102 -9.52 7.69 5.99
CA ILE D 102 -10.43 8.34 6.92
C ILE D 102 -10.24 7.79 8.33
N VAL D 103 -10.19 6.48 8.48
CA VAL D 103 -10.02 5.85 9.77
C VAL D 103 -8.71 6.29 10.41
N LYS D 104 -7.63 6.24 9.65
CA LYS D 104 -6.34 6.70 10.14
C LYS D 104 -6.37 8.16 10.57
N LEU D 105 -6.94 9.11 9.81
CA LEU D 105 -7.05 10.48 10.22
C LEU D 105 -7.81 10.71 11.53
N CYS D 106 -8.91 9.94 11.76
CA CYS D 106 -9.67 10.06 13.01
C CYS D 106 -8.82 9.56 14.17
N GLN D 107 -8.03 8.47 13.93
CA GLN D 107 -7.16 7.99 14.97
C GLN D 107 -5.98 8.96 15.20
N ASP D 108 -5.50 9.65 14.17
CA ASP D 108 -4.34 10.56 14.38
C ASP D 108 -4.78 11.89 15.02
N LEU D 109 -6.08 12.12 15.12
CA LEU D 109 -6.69 13.27 15.75
C LEU D 109 -7.41 12.90 17.06
N ASN D 110 -7.16 11.69 17.56
CA ASN D 110 -7.80 11.22 18.76
C ASN D 110 -9.29 11.47 18.74
N PHE D 111 -9.94 11.16 17.61
CA PHE D 111 -11.37 11.35 17.40
C PHE D 111 -12.00 9.99 17.12
N PRO D 112 -12.90 9.49 17.99
CA PRO D 112 -13.51 8.20 17.89
C PRO D 112 -14.28 8.01 16.61
N ILE D 113 -14.12 6.80 16.00
CA ILE D 113 -14.85 6.48 14.77
C ILE D 113 -15.37 5.03 14.78
N THR D 114 -16.64 4.80 14.35
CA THR D 114 -17.14 3.43 14.21
C THR D 114 -17.39 3.23 12.70
N PRO D 115 -16.43 2.64 11.95
CA PRO D 115 -16.61 2.48 10.50
C PRO D 115 -17.50 1.31 10.16
N GLY D 116 -18.08 1.31 8.96
CA GLY D 116 -18.99 0.26 8.52
C GLY D 116 -18.28 -0.89 7.74
N VAL D 117 -18.77 -2.10 7.99
CA VAL D 117 -18.34 -3.35 7.36
C VAL D 117 -19.51 -4.25 7.02
N ASN D 118 -19.37 -5.21 6.05
CA ASN D 118 -20.47 -6.13 5.76
C ASN D 118 -19.95 -7.50 5.32
N ASN D 119 -18.67 -7.76 5.37
CA ASN D 119 -18.04 -9.03 4.97
C ASN D 119 -16.77 -9.33 5.74
N PRO D 120 -16.18 -10.53 5.60
CA PRO D 120 -14.98 -10.88 6.26
C PRO D 120 -13.72 -10.07 5.85
N ALA D 122 -13.47 -6.78 5.01
CA ALA D 122 -13.63 -5.49 5.69
C ALA D 122 -13.49 -5.61 7.20
N ILE D 123 -13.93 -6.73 7.77
CA ILE D 123 -13.70 -6.99 9.20
C ILE D 123 -12.23 -7.12 9.50
N GLU D 124 -11.49 -7.95 8.72
CA GLU D 124 -10.07 -8.07 8.94
C GLU D 124 -9.27 -6.80 8.74
N ILE D 125 -9.59 -5.87 7.86
CA ILE D 125 -8.97 -4.55 7.83
C ILE D 125 -9.28 -3.77 9.14
N ALA D 126 -10.53 -3.70 9.58
CA ALA D 126 -10.87 -3.05 10.88
C ALA D 126 -10.03 -3.58 12.03
N LEU D 127 -9.93 -4.89 12.20
CA LEU D 127 -9.16 -5.45 13.29
C LEU D 127 -7.66 -5.18 13.14
N GLU D 128 -7.17 -5.20 11.87
CA GLU D 128 -5.74 -4.92 11.67
C GLU D 128 -5.45 -3.49 12.16
N GLY D 130 -6.76 -1.94 14.64
CA GLY D 130 -7.01 -1.75 16.07
C GLY D 130 -8.47 -1.46 16.40
N ILE D 131 -9.39 -1.72 15.46
CA ILE D 131 -10.81 -1.41 15.67
C ILE D 131 -11.63 -2.66 15.90
N SER D 132 -12.36 -2.70 17.02
CA SER D 132 -13.24 -3.80 17.33
C SER D 132 -14.72 -3.45 17.37
N ALA D 133 -15.13 -2.18 17.32
CA ALA D 133 -16.53 -1.81 17.29
C ALA D 133 -16.85 -1.19 15.93
N VAL D 134 -17.77 -1.83 15.17
CA VAL D 134 -18.09 -1.41 13.83
C VAL D 134 -19.57 -1.35 13.50
N LYS D 135 -19.97 -0.47 12.58
CA LYS D 135 -21.34 -0.51 12.07
C LYS D 135 -21.46 -1.70 11.08
N PHE D 136 -22.55 -2.40 11.11
CA PHE D 136 -22.82 -3.47 10.09
C PHE D 136 -23.83 -2.83 9.15
N PHE D 137 -23.43 -2.52 7.93
CA PHE D 137 -24.30 -1.85 6.97
C PHE D 137 -24.04 -2.34 5.55
N PRO D 138 -25.05 -2.54 4.73
CA PRO D 138 -26.47 -2.35 5.08
C PRO D 138 -26.92 -3.60 5.78
N ALA D 139 -27.58 -3.56 6.96
CA ALA D 139 -27.84 -4.80 7.67
C ALA D 139 -28.77 -5.78 6.98
N GLU D 140 -29.97 -5.37 6.64
CA GLU D 140 -30.93 -6.37 6.09
C GLU D 140 -30.51 -6.83 4.70
N ALA D 141 -30.09 -5.91 3.82
CA ALA D 141 -29.70 -6.39 2.45
C ALA D 141 -28.48 -7.25 2.44
N SER D 142 -27.62 -7.26 3.45
CA SER D 142 -26.45 -8.07 3.57
C SER D 142 -26.70 -9.43 4.18
N GLY D 143 -27.98 -9.77 4.50
CA GLY D 143 -28.27 -11.07 5.04
C GLY D 143 -28.83 -11.03 6.46
N GLY D 144 -28.87 -9.83 7.06
CA GLY D 144 -29.44 -9.65 8.38
C GLY D 144 -28.89 -10.41 9.53
N VAL D 145 -29.76 -10.83 10.49
CA VAL D 145 -29.36 -11.56 11.68
C VAL D 145 -28.64 -12.84 11.34
N LYS D 146 -29.07 -13.51 10.27
CA LYS D 146 -28.37 -14.73 9.84
C LYS D 146 -26.92 -14.39 9.42
N ILE D 148 -25.05 -11.84 10.45
CA ILE D 148 -24.31 -11.42 11.67
C ILE D 148 -23.95 -12.61 12.51
N LYS D 149 -24.87 -13.58 12.69
CA LYS D 149 -24.49 -14.75 13.52
C LYS D 149 -23.43 -15.59 12.80
N ALA D 150 -23.49 -15.71 11.48
CA ALA D 150 -22.39 -16.47 10.79
C ALA D 150 -21.03 -15.78 10.99
N LEU D 151 -20.96 -14.45 10.94
CA LEU D 151 -19.66 -13.73 11.12
C LEU D 151 -19.16 -13.81 12.52
N LEU D 152 -20.08 -13.84 13.55
CA LEU D 152 -19.66 -13.95 14.94
C LEU D 152 -19.03 -15.28 15.28
N GLY D 153 -19.19 -16.35 14.46
CA GLY D 153 -18.47 -17.59 14.72
C GLY D 153 -16.98 -17.36 14.84
N PRO D 154 -16.27 -16.89 13.81
CA PRO D 154 -14.86 -16.60 13.91
C PRO D 154 -14.49 -15.25 14.53
N TYR D 155 -15.36 -14.26 14.50
CA TYR D 155 -15.06 -12.92 14.96
C TYR D 155 -15.89 -12.62 16.22
N ALA D 156 -15.68 -13.48 17.22
CA ALA D 156 -16.46 -13.47 18.43
C ALA D 156 -16.28 -12.24 19.31
N GLN D 157 -15.22 -11.49 19.21
CA GLN D 157 -15.14 -10.30 20.09
C GLN D 157 -15.67 -9.04 19.43
N LEU D 158 -16.16 -9.10 18.18
CA LEU D 158 -16.65 -7.87 17.59
C LEU D 158 -17.83 -7.27 18.36
N GLN D 159 -17.83 -5.95 18.49
CA GLN D 159 -18.96 -5.20 19.05
C GLN D 159 -19.66 -4.59 17.84
N ILE D 160 -20.95 -4.85 17.63
CA ILE D 160 -21.61 -4.43 16.41
C ILE D 160 -22.77 -3.51 16.50
N PRO D 162 -25.76 -2.50 14.02
CA PRO D 162 -26.45 -2.64 12.75
C PRO D 162 -27.28 -1.44 12.32
N THR D 163 -27.21 -1.07 11.06
CA THR D 163 -28.00 -0.03 10.43
C THR D 163 -28.41 -0.50 9.03
N GLY D 164 -29.56 -0.13 8.53
CA GLY D 164 -30.01 -0.52 7.20
C GLY D 164 -31.21 -1.50 7.27
N GLY D 165 -32.39 -1.06 6.99
CA GLY D 165 -33.60 -1.90 7.08
C GLY D 165 -34.05 -2.26 8.48
N ILE D 166 -33.65 -1.60 9.54
CA ILE D 166 -33.99 -1.91 10.92
C ILE D 166 -35.38 -1.28 11.21
N GLY D 167 -36.25 -2.10 11.76
CA GLY D 167 -37.61 -1.50 12.11
C GLY D 167 -38.15 -2.14 13.37
N LEU D 168 -39.39 -1.72 13.73
CA LEU D 168 -40.01 -2.25 14.98
C LEU D 168 -40.12 -3.78 14.93
N HIS D 169 -40.41 -4.32 13.75
CA HIS D 169 -40.51 -5.77 13.57
C HIS D 169 -39.23 -6.54 13.76
N ASN D 170 -38.04 -5.95 13.56
CA ASN D 170 -36.82 -6.74 13.74
C ASN D 170 -35.83 -6.17 14.70
N ILE D 171 -36.15 -5.08 15.45
CA ILE D 171 -35.10 -4.60 16.36
C ILE D 171 -34.79 -5.57 17.46
N ARG D 172 -35.85 -6.27 17.99
CA ARG D 172 -35.59 -7.22 19.08
C ARG D 172 -34.72 -8.38 18.59
N ASP D 173 -34.95 -8.85 17.37
CA ASP D 173 -34.11 -9.92 16.84
C ASP D 173 -32.63 -9.51 16.92
N TYR D 174 -32.33 -8.28 16.53
CA TYR D 174 -30.89 -7.85 16.59
C TYR D 174 -30.42 -7.65 17.99
N LEU D 175 -31.25 -7.04 18.87
CA LEU D 175 -30.80 -6.83 20.26
C LEU D 175 -30.69 -8.12 21.05
N ALA D 176 -31.32 -9.18 20.55
CA ALA D 176 -31.19 -10.47 21.22
C ALA D 176 -29.77 -10.97 21.17
N ILE D 177 -28.98 -10.66 20.13
CA ILE D 177 -27.56 -11.10 20.08
C ILE D 177 -26.73 -10.22 20.99
N PRO D 178 -25.97 -10.80 21.91
CA PRO D 178 -25.17 -10.08 22.87
C PRO D 178 -24.08 -9.18 22.33
N ASN D 179 -23.42 -9.57 21.21
CA ASN D 179 -22.38 -8.70 20.67
C ASN D 179 -22.96 -7.43 20.07
N ILE D 180 -24.26 -7.38 19.82
CA ILE D 180 -24.83 -6.16 19.24
C ILE D 180 -25.01 -5.11 20.35
N VAL D 181 -24.46 -3.92 20.11
CA VAL D 181 -24.51 -2.82 21.10
C VAL D 181 -25.80 -2.04 20.98
N ALA D 182 -26.13 -1.59 19.78
CA ALA D 182 -27.28 -0.80 19.46
C ALA D 182 -27.53 -0.76 17.96
N CYS D 183 -28.72 -0.37 17.54
CA CYS D 183 -29.06 -0.32 16.11
C CYS D 183 -29.41 1.11 15.77
N GLY D 184 -29.18 1.52 14.55
CA GLY D 184 -29.45 2.79 13.94
C GLY D 184 -30.75 2.76 13.17
N GLY D 185 -31.60 3.80 13.28
CA GLY D 185 -32.86 3.70 12.48
C GLY D 185 -33.39 5.07 12.13
N SER D 186 -34.20 5.22 11.08
CA SER D 186 -34.75 6.53 10.80
C SER D 186 -36.26 6.62 10.68
N TRP D 187 -36.96 5.51 10.91
CA TRP D 187 -38.44 5.52 10.74
C TRP D 187 -39.11 6.43 11.76
N PHE D 188 -38.71 6.35 13.04
CA PHE D 188 -39.29 7.16 14.10
C PHE D 188 -38.94 8.63 14.01
N VAL D 189 -38.07 9.06 13.10
CA VAL D 189 -37.68 10.41 12.83
C VAL D 189 -37.64 10.69 11.32
N GLU D 190 -38.57 10.10 10.59
CA GLU D 190 -38.61 10.24 9.12
C GLU D 190 -38.51 11.69 8.67
N LYS D 191 -37.98 11.98 7.50
CA LYS D 191 -37.77 13.34 7.04
C LYS D 191 -39.00 14.18 6.84
N LYS D 192 -40.15 13.59 6.51
CA LYS D 192 -41.39 14.34 6.34
C LYS D 192 -41.90 14.82 7.70
N LEU D 193 -41.78 13.94 8.70
CA LEU D 193 -42.22 14.36 10.05
C LEU D 193 -41.40 15.59 10.45
N ILE D 194 -40.08 15.48 10.26
CA ILE D 194 -39.21 16.60 10.61
C ILE D 194 -39.61 17.84 9.82
N GLN D 195 -39.69 17.73 8.50
CA GLN D 195 -40.08 18.79 7.60
C GLN D 195 -41.37 19.51 7.95
N SER D 196 -42.37 18.79 8.44
CA SER D 196 -43.65 19.37 8.79
C SER D 196 -43.74 19.78 10.25
N ASN D 197 -42.66 19.59 11.02
CA ASN D 197 -42.65 20.00 12.42
C ASN D 197 -43.64 19.20 13.26
N ASN D 198 -43.91 17.98 12.83
CA ASN D 198 -44.82 17.09 13.55
C ASN D 198 -44.08 16.42 14.69
N TRP D 199 -43.81 17.21 15.74
CA TRP D 199 -43.04 16.66 16.87
C TRP D 199 -43.85 15.66 17.64
N ASP D 200 -45.18 15.80 17.56
CA ASP D 200 -46.04 14.86 18.30
C ASP D 200 -45.97 13.44 17.78
N GLU D 201 -45.99 13.23 16.47
CA GLU D 201 -45.87 11.84 15.96
C GLU D 201 -44.52 11.26 16.29
N ILE D 202 -43.44 12.01 15.97
CA ILE D 202 -42.07 11.58 16.32
C ILE D 202 -42.04 11.11 17.73
N GLY D 203 -42.57 12.00 18.63
CA GLY D 203 -42.68 11.67 20.04
C GLY D 203 -43.27 10.30 20.25
N ARG D 204 -44.45 10.05 19.66
CA ARG D 204 -45.14 8.80 19.76
C ARG D 204 -44.33 7.63 19.19
N LEU D 205 -43.75 7.87 18.02
CA LEU D 205 -42.90 6.79 17.42
C LEU D 205 -41.78 6.40 18.33
N VAL D 206 -41.10 7.41 18.96
CA VAL D 206 -40.04 7.11 19.90
C VAL D 206 -40.48 6.27 21.06
N ARG D 207 -41.60 6.66 21.72
CA ARG D 207 -42.10 5.87 22.85
C ARG D 207 -42.38 4.43 22.47
N GLU D 208 -42.97 4.19 21.33
CA GLU D 208 -43.22 2.84 20.82
C GLU D 208 -42.00 1.93 20.72
N VAL D 209 -40.89 2.43 20.08
CA VAL D 209 -39.72 1.53 19.97
C VAL D 209 -39.09 1.28 21.30
N ILE D 210 -39.10 2.35 22.16
CA ILE D 210 -38.57 2.12 23.52
C ILE D 210 -39.42 1.08 24.23
N ASP D 211 -40.75 1.17 24.10
CA ASP D 211 -41.64 0.19 24.73
C ASP D 211 -41.33 -1.25 24.32
N ILE D 212 -41.31 -1.55 23.02
CA ILE D 212 -40.99 -2.92 22.58
C ILE D 212 -39.64 -3.40 23.09
N ILE D 213 -38.61 -2.55 23.15
CA ILE D 213 -37.29 -3.01 23.58
C ILE D 213 -37.38 -3.45 25.03
N LYS D 214 -38.25 -2.72 25.77
CA LYS D 214 -38.47 -3.02 27.18
C LYS D 214 -39.07 -4.40 27.40
N GLU D 215 -39.95 -4.90 26.54
CA GLU D 215 -40.49 -6.24 26.71
C GLU D 215 -39.45 -7.30 26.96
N SER E 4 7.07 -32.36 2.75
CA SER E 4 6.03 -31.30 2.72
C SER E 4 5.25 -31.29 1.41
N TYR E 5 3.93 -31.18 1.50
CA TYR E 5 3.08 -31.14 0.32
C TYR E 5 2.99 -29.69 -0.19
N THR E 6 2.92 -29.54 -1.50
CA THR E 6 2.71 -28.23 -2.12
C THR E 6 1.19 -27.93 -2.06
N THR E 7 0.86 -26.65 -2.31
CA THR E 7 -0.52 -26.24 -2.29
C THR E 7 -1.40 -27.07 -3.20
N GLN E 8 -0.97 -27.28 -4.47
CA GLN E 8 -1.87 -28.04 -5.39
C GLN E 8 -2.04 -29.49 -5.01
N GLN E 9 -0.98 -30.11 -4.46
CA GLN E 9 -1.06 -31.50 -4.00
C GLN E 9 -2.12 -31.61 -2.91
N ILE E 10 -2.16 -30.59 -2.03
CA ILE E 10 -3.19 -30.62 -0.95
C ILE E 10 -4.59 -30.49 -1.54
N ILE E 11 -4.74 -29.61 -2.54
CA ILE E 11 -6.04 -29.43 -3.19
C ILE E 11 -6.54 -30.75 -3.77
N GLU E 12 -5.68 -31.49 -4.46
CA GLU E 12 -6.01 -32.80 -5.00
C GLU E 12 -6.32 -33.81 -3.92
N LYS E 13 -5.72 -33.76 -2.74
CA LYS E 13 -6.10 -34.70 -1.68
C LYS E 13 -7.50 -34.35 -1.16
N LEU E 14 -7.78 -33.05 -1.03
CA LEU E 14 -9.11 -32.61 -0.60
C LEU E 14 -10.19 -33.00 -1.59
N ARG E 15 -9.87 -32.94 -2.88
CA ARG E 15 -10.82 -33.31 -3.92
C ARG E 15 -11.26 -34.78 -3.82
N GLU E 16 -10.41 -35.63 -3.29
CA GLU E 16 -10.73 -37.05 -3.07
C GLU E 16 -11.50 -37.23 -1.78
N LEU E 17 -11.15 -36.46 -0.74
CA LEU E 17 -11.89 -36.54 0.54
C LEU E 17 -13.27 -35.96 0.47
N LYS E 18 -13.46 -34.81 -0.16
CA LYS E 18 -14.68 -34.09 -0.38
C LYS E 18 -15.35 -33.45 0.81
N ILE E 19 -15.14 -33.94 2.00
CA ILE E 19 -15.72 -33.43 3.23
C ILE E 19 -14.64 -33.27 4.31
N VAL E 20 -14.53 -32.06 4.84
CA VAL E 20 -13.52 -31.79 5.88
C VAL E 20 -14.17 -31.50 7.22
N PRO E 21 -13.83 -32.27 8.24
CA PRO E 21 -14.33 -32.06 9.58
C PRO E 21 -13.67 -30.85 10.25
N VAL E 22 -14.44 -29.89 10.68
CA VAL E 22 -13.93 -28.71 11.40
C VAL E 22 -14.04 -29.07 12.88
N ILE E 23 -12.91 -29.30 13.54
CA ILE E 23 -12.95 -29.73 14.93
C ILE E 23 -12.54 -28.70 15.96
N ALA E 24 -13.37 -28.58 16.98
CA ALA E 24 -13.14 -27.71 18.13
C ALA E 24 -13.11 -28.62 19.37
N LEU E 25 -12.07 -28.55 20.16
CA LEU E 25 -12.01 -29.41 21.36
C LEU E 25 -11.50 -28.68 22.60
N ASP E 26 -11.85 -29.23 23.76
CA ASP E 26 -11.45 -28.71 25.05
C ASP E 26 -10.21 -29.37 25.60
N ASN E 27 -10.00 -30.64 25.28
CA ASN E 27 -8.80 -31.35 25.73
C ASN E 27 -8.03 -31.90 24.53
N ALA E 28 -6.77 -31.49 24.40
CA ALA E 28 -5.91 -31.86 23.34
C ALA E 28 -5.75 -33.37 23.20
N ASP E 29 -5.80 -34.11 24.32
CA ASP E 29 -5.66 -35.54 24.31
C ASP E 29 -6.71 -36.26 23.48
N ASP E 30 -7.92 -35.76 23.45
CA ASP E 30 -9.03 -36.33 22.71
C ASP E 30 -8.82 -36.44 21.20
N ILE E 31 -7.81 -35.78 20.62
CA ILE E 31 -7.57 -35.81 19.20
C ILE E 31 -7.05 -37.16 18.73
N LEU E 32 -6.38 -37.90 19.62
CA LEU E 32 -5.84 -39.21 19.23
C LEU E 32 -6.95 -40.20 18.93
N PRO E 33 -7.84 -40.50 19.86
CA PRO E 33 -8.96 -41.41 19.61
C PRO E 33 -9.81 -40.89 18.46
N LEU E 34 -10.07 -39.57 18.50
CA LEU E 34 -10.83 -38.91 17.45
C LEU E 34 -10.23 -39.21 16.09
N ALA E 35 -8.93 -38.95 15.92
CA ALA E 35 -8.29 -39.27 14.66
C ALA E 35 -8.47 -40.75 14.30
N ASP E 36 -8.29 -41.62 15.29
CA ASP E 36 -8.44 -43.06 15.14
C ASP E 36 -9.80 -43.41 14.53
N THR E 37 -10.87 -42.79 15.02
CA THR E 37 -12.19 -43.02 14.45
C THR E 37 -12.30 -42.52 13.02
N LEU E 38 -11.81 -41.28 12.79
CA LEU E 38 -11.88 -40.74 11.44
C LEU E 38 -11.10 -41.59 10.45
N ALA E 39 -9.93 -42.08 10.83
CA ALA E 39 -9.10 -42.90 9.95
C ALA E 39 -9.77 -44.24 9.63
N LYS E 40 -10.36 -44.85 10.63
CA LYS E 40 -11.07 -46.12 10.53
C LYS E 40 -12.17 -46.05 9.46
N ASN E 41 -12.90 -44.94 9.48
CA ASN E 41 -14.02 -44.73 8.56
C ASN E 41 -13.64 -44.06 7.26
N GLY E 42 -12.36 -43.96 6.95
CA GLY E 42 -11.90 -43.41 5.70
C GLY E 42 -11.71 -41.92 5.57
N LEU E 43 -11.69 -41.15 6.66
CA LEU E 43 -11.44 -39.71 6.55
C LEU E 43 -10.18 -39.30 7.34
N SER E 44 -8.99 -39.44 6.79
CA SER E 44 -7.76 -39.04 7.47
C SER E 44 -7.39 -37.56 7.23
N VAL E 45 -8.29 -36.67 7.57
CA VAL E 45 -8.12 -35.22 7.43
C VAL E 45 -8.83 -34.51 8.55
N ALA E 46 -8.31 -33.35 8.98
CA ALA E 46 -8.93 -32.60 10.06
C ALA E 46 -8.53 -31.12 10.11
N GLU E 47 -9.52 -30.24 10.19
CA GLU E 47 -9.26 -28.82 10.38
C GLU E 47 -9.44 -28.50 11.88
N ILE E 48 -8.34 -28.13 12.54
CA ILE E 48 -8.43 -27.88 14.00
C ILE E 48 -8.48 -26.38 14.21
N THR E 49 -9.61 -25.88 14.72
CA THR E 49 -9.80 -24.45 14.83
C THR E 49 -9.04 -23.81 15.97
N PHE E 50 -8.32 -22.70 15.64
CA PHE E 50 -7.63 -21.92 16.69
C PHE E 50 -8.61 -21.20 17.63
N ARG E 51 -9.91 -21.36 17.46
CA ARG E 51 -10.89 -20.87 18.43
C ARG E 51 -10.75 -21.62 19.77
N SER E 52 -10.29 -22.87 19.71
CA SER E 52 -10.03 -23.68 20.87
C SER E 52 -8.59 -23.44 21.35
N GLU E 53 -8.43 -23.18 22.64
CA GLU E 53 -7.11 -22.92 23.24
C GLU E 53 -6.16 -24.09 23.05
N ALA E 54 -6.68 -25.31 22.98
CA ALA E 54 -5.87 -26.49 22.81
C ALA E 54 -5.55 -26.82 21.36
N ALA E 55 -5.87 -25.95 20.41
CA ALA E 55 -5.60 -26.26 19.01
C ALA E 55 -4.15 -26.60 18.72
N ALA E 56 -3.18 -25.80 19.20
CA ALA E 56 -1.77 -26.02 18.93
C ALA E 56 -1.21 -27.33 19.51
N ASP E 57 -1.56 -27.69 20.73
CA ASP E 57 -1.13 -28.92 21.39
C ASP E 57 -1.78 -30.13 20.72
N ALA E 58 -2.99 -29.97 20.22
CA ALA E 58 -3.66 -31.06 19.50
C ALA E 58 -3.00 -31.30 18.16
N ILE E 59 -2.69 -30.22 17.41
CA ILE E 59 -2.04 -30.42 16.12
C ILE E 59 -0.69 -31.10 16.29
N ARG E 60 0.07 -30.71 17.33
CA ARG E 60 1.39 -31.31 17.53
C ARG E 60 1.29 -32.79 17.92
N LEU E 61 0.35 -33.08 18.78
CA LEU E 61 0.08 -34.41 19.32
C LEU E 61 -0.41 -35.30 18.20
N LEU E 62 -1.31 -34.80 17.38
CA LEU E 62 -1.79 -35.53 16.19
C LEU E 62 -0.68 -35.73 15.19
N ARG E 63 0.14 -34.72 14.87
CA ARG E 63 1.22 -34.96 13.90
C ARG E 63 2.18 -36.03 14.44
N ALA E 64 2.51 -35.99 15.72
CA ALA E 64 3.43 -36.92 16.36
C ALA E 64 3.02 -38.38 16.26
N ASN E 65 1.76 -38.74 16.38
CA ASN E 65 1.25 -40.08 16.33
C ASN E 65 0.93 -40.54 14.92
N ARG E 66 0.44 -39.64 14.05
CA ARG E 66 0.05 -39.99 12.70
C ARG E 66 0.76 -39.09 11.71
N PRO E 67 1.96 -39.47 11.30
CA PRO E 67 2.76 -38.73 10.36
C PRO E 67 2.15 -38.54 8.99
N ASP E 68 1.10 -39.24 8.63
CA ASP E 68 0.51 -39.12 7.31
C ASP E 68 -0.84 -38.44 7.30
N PHE E 69 -1.38 -38.07 8.44
CA PHE E 69 -2.68 -37.39 8.47
C PHE E 69 -2.58 -36.00 7.85
N LEU E 70 -3.65 -35.58 7.16
CA LEU E 70 -3.71 -34.24 6.56
C LEU E 70 -4.32 -33.30 7.61
N ILE E 71 -3.48 -32.33 8.05
CA ILE E 71 -3.93 -31.42 9.11
C ILE E 71 -3.95 -29.96 8.66
N ALA E 72 -5.05 -29.28 8.96
CA ALA E 72 -5.18 -27.86 8.70
C ALA E 72 -5.38 -27.08 10.00
N ALA E 73 -4.72 -25.91 10.11
CA ALA E 73 -4.97 -25.01 11.24
C ALA E 73 -6.00 -23.99 10.73
N GLY E 74 -7.12 -23.90 11.41
CA GLY E 74 -8.24 -23.05 11.04
C GLY E 74 -8.45 -21.83 11.90
N THR E 75 -9.23 -20.88 11.40
CA THR E 75 -9.46 -19.61 12.08
C THR E 75 -8.19 -18.86 12.46
N VAL E 76 -7.20 -18.91 11.58
CA VAL E 76 -5.93 -18.23 11.77
C VAL E 76 -6.05 -16.73 11.42
N LEU E 77 -5.94 -15.88 12.48
CA LEU E 77 -6.03 -14.45 12.25
C LEU E 77 -4.72 -13.68 12.55
N THR E 78 -3.76 -14.21 13.25
CA THR E 78 -2.56 -13.45 13.66
C THR E 78 -1.24 -14.07 13.22
N ALA E 79 -0.12 -13.33 13.27
CA ALA E 79 1.19 -13.83 12.87
C ALA E 79 1.70 -14.84 13.90
N GLU E 80 1.44 -14.59 15.20
CA GLU E 80 1.80 -15.56 16.24
C GLU E 80 1.16 -16.93 15.91
N GLN E 81 -0.12 -16.95 15.59
CA GLN E 81 -0.81 -18.18 15.20
C GLN E 81 -0.19 -18.83 13.96
N VAL E 82 0.12 -18.07 12.90
CA VAL E 82 0.81 -18.68 11.74
C VAL E 82 2.08 -19.37 12.21
N VAL E 83 2.92 -18.69 13.00
CA VAL E 83 4.18 -19.24 13.44
C VAL E 83 4.03 -20.53 14.23
N LEU E 84 3.15 -20.53 15.24
CA LEU E 84 2.87 -21.72 16.04
C LEU E 84 2.15 -22.83 15.29
N ALA E 85 1.35 -22.54 14.25
CA ALA E 85 0.71 -23.58 13.47
C ALA E 85 1.79 -24.29 12.65
N LYS E 86 2.80 -23.55 12.19
CA LYS E 86 3.86 -24.18 11.39
C LYS E 86 4.74 -25.10 12.25
N SER E 87 5.19 -24.60 13.39
CA SER E 87 6.05 -25.41 14.27
C SER E 87 5.28 -26.57 14.88
N SER E 88 3.96 -26.51 15.09
CA SER E 88 3.20 -27.64 15.59
C SER E 88 3.04 -28.75 14.54
N GLY E 89 3.22 -28.53 13.25
CA GLY E 89 3.08 -29.58 12.25
C GLY E 89 1.93 -29.47 11.29
N ALA E 90 1.08 -28.44 11.31
CA ALA E 90 -0.02 -28.39 10.33
C ALA E 90 0.48 -28.42 8.91
N ASP E 91 -0.30 -28.95 7.98
CA ASP E 91 0.11 -29.00 6.56
C ASP E 91 -0.27 -27.69 5.84
N PHE E 92 -1.32 -27.04 6.29
CA PHE E 92 -1.80 -25.80 5.68
C PHE E 92 -2.62 -24.95 6.61
N VAL E 93 -2.94 -23.73 6.18
CA VAL E 93 -3.66 -22.73 6.97
C VAL E 93 -4.98 -22.36 6.30
N VAL E 94 -6.03 -22.21 7.07
CA VAL E 94 -7.37 -21.84 6.62
C VAL E 94 -7.85 -20.57 7.32
N THR E 95 -8.34 -19.54 6.59
CA THR E 95 -8.79 -18.30 7.25
C THR E 95 -10.20 -17.93 6.81
N PRO E 96 -10.97 -17.17 7.60
CA PRO E 96 -12.32 -16.80 7.30
C PRO E 96 -12.42 -15.71 6.25
N GLY E 97 -11.48 -14.81 6.26
CA GLY E 97 -11.36 -13.70 5.31
C GLY E 97 -9.90 -13.66 4.79
N LEU E 98 -9.57 -12.63 4.01
CA LEU E 98 -8.25 -12.47 3.41
C LEU E 98 -7.51 -11.27 3.94
N ASN E 99 -6.57 -11.53 4.84
CA ASN E 99 -5.68 -10.43 5.36
C ASN E 99 -4.35 -10.56 4.61
N PRO E 100 -4.01 -9.62 3.73
CA PRO E 100 -2.79 -9.68 2.90
C PRO E 100 -1.51 -9.90 3.66
N LYS E 101 -1.33 -9.34 4.83
CA LYS E 101 -0.17 -9.59 5.66
C LYS E 101 -0.04 -11.05 6.08
N ILE E 102 -1.16 -11.71 6.38
CA ILE E 102 -1.13 -13.13 6.80
C ILE E 102 -0.87 -14.01 5.56
N VAL E 103 -1.50 -13.68 4.44
CA VAL E 103 -1.30 -14.48 3.22
C VAL E 103 0.18 -14.38 2.83
N LYS E 104 0.72 -13.17 2.78
CA LYS E 104 2.14 -13.00 2.46
C LYS E 104 3.06 -13.72 3.41
N LEU E 105 2.82 -13.67 4.73
CA LEU E 105 3.69 -14.40 5.68
C LEU E 105 3.68 -15.89 5.44
N CYS E 106 2.49 -16.48 5.13
CA CYS E 106 2.46 -17.92 4.85
C CYS E 106 3.26 -18.19 3.59
N GLN E 107 3.14 -17.37 2.53
CA GLN E 107 3.95 -17.58 1.32
C GLN E 107 5.43 -17.42 1.61
N ASP E 108 5.88 -16.49 2.47
CA ASP E 108 7.32 -16.34 2.67
C ASP E 108 7.86 -17.44 3.60
N LEU E 109 6.93 -18.21 4.22
CA LEU E 109 7.36 -19.31 5.09
C LEU E 109 7.11 -20.63 4.34
N ASN E 110 6.86 -20.52 3.04
CA ASN E 110 6.55 -21.73 2.23
C ASN E 110 5.46 -22.54 2.95
N PHE E 111 4.36 -21.88 3.31
CA PHE E 111 3.32 -22.56 4.13
C PHE E 111 1.99 -22.41 3.42
N PRO E 112 1.51 -23.48 2.79
CA PRO E 112 0.29 -23.41 2.02
C PRO E 112 -0.84 -22.78 2.79
N ILE E 113 -1.65 -21.96 2.08
CA ILE E 113 -2.80 -21.30 2.70
C ILE E 113 -4.00 -21.26 1.78
N THR E 114 -5.22 -21.47 2.30
CA THR E 114 -6.45 -21.33 1.52
C THR E 114 -7.27 -20.22 2.22
N PRO E 115 -7.08 -18.94 1.83
CA PRO E 115 -7.83 -17.84 2.42
C PRO E 115 -9.31 -17.77 2.02
N GLY E 116 -10.12 -17.14 2.86
CA GLY E 116 -11.54 -16.97 2.63
C GLY E 116 -11.91 -15.70 1.87
N VAL E 117 -12.85 -15.81 0.92
CA VAL E 117 -13.42 -14.75 0.12
C VAL E 117 -14.95 -14.85 0.04
N ASN E 118 -15.67 -13.79 -0.37
CA ASN E 118 -17.10 -13.95 -0.57
C ASN E 118 -17.60 -12.94 -1.58
N ASN E 119 -16.76 -12.17 -2.26
CA ASN E 119 -17.24 -11.13 -3.23
C ASN E 119 -16.16 -10.92 -4.26
N PRO E 120 -16.41 -10.27 -5.41
CA PRO E 120 -15.40 -10.10 -6.46
C PRO E 120 -14.15 -9.36 -6.02
N ALA E 122 -12.56 -9.41 -3.05
CA ALA E 122 -11.69 -10.34 -2.36
C ALA E 122 -11.03 -11.35 -3.32
N ILE E 123 -11.80 -11.85 -4.28
CA ILE E 123 -11.21 -12.82 -5.24
C ILE E 123 -10.12 -12.19 -6.04
N GLU E 124 -10.30 -10.97 -6.58
CA GLU E 124 -9.20 -10.39 -7.37
C GLU E 124 -7.97 -10.12 -6.57
N ILE E 125 -8.02 -9.79 -5.27
CA ILE E 125 -6.82 -9.66 -4.42
C ILE E 125 -6.19 -11.07 -4.31
N ALA E 126 -7.02 -12.10 -4.13
CA ALA E 126 -6.41 -13.46 -4.09
C ALA E 126 -5.65 -13.76 -5.39
N LEU E 127 -6.30 -13.54 -6.55
CA LEU E 127 -5.67 -13.78 -7.85
C LEU E 127 -4.41 -12.94 -8.02
N GLU E 128 -4.48 -11.65 -7.66
CA GLU E 128 -3.30 -10.81 -7.71
C GLU E 128 -2.13 -11.39 -6.91
N GLY E 130 -1.40 -14.57 -6.50
CA GLY E 130 -1.00 -15.92 -6.98
C GLY E 130 -1.85 -17.05 -6.45
N ILE E 131 -3.03 -16.77 -5.89
CA ILE E 131 -3.84 -17.82 -5.29
C ILE E 131 -5.09 -18.09 -6.11
N SER E 132 -5.39 -19.36 -6.40
CA SER E 132 -6.59 -19.73 -7.13
C SER E 132 -7.46 -20.69 -6.34
N ALA E 133 -6.99 -21.19 -5.19
CA ALA E 133 -7.83 -22.08 -4.40
C ALA E 133 -8.25 -21.33 -3.13
N VAL E 134 -9.55 -21.05 -2.97
CA VAL E 134 -9.99 -20.26 -1.81
C VAL E 134 -11.15 -20.93 -1.07
N LYS E 135 -11.28 -20.53 0.19
CA LYS E 135 -12.45 -20.88 1.01
C LYS E 135 -13.56 -19.88 0.68
N PHE E 136 -14.80 -20.36 0.57
CA PHE E 136 -15.94 -19.43 0.33
C PHE E 136 -16.70 -19.40 1.66
N PHE E 137 -16.82 -18.25 2.34
CA PHE E 137 -17.40 -18.15 3.68
C PHE E 137 -17.89 -16.74 3.96
N PRO E 138 -19.05 -16.61 4.60
CA PRO E 138 -19.90 -17.70 5.02
C PRO E 138 -20.72 -18.23 3.84
N ALA E 139 -20.70 -19.55 3.54
CA ALA E 139 -21.32 -19.97 2.26
C ALA E 139 -22.78 -19.68 2.08
N GLU E 140 -23.67 -20.16 2.93
CA GLU E 140 -25.12 -19.90 2.80
C GLU E 140 -25.55 -18.46 3.03
N ALA E 141 -25.03 -17.76 4.05
CA ALA E 141 -25.47 -16.38 4.23
C ALA E 141 -25.02 -15.47 3.12
N SER E 142 -23.89 -15.73 2.39
CA SER E 142 -23.52 -14.88 1.27
C SER E 142 -24.28 -15.18 0.00
N GLY E 143 -25.21 -16.12 -0.06
CA GLY E 143 -25.93 -16.42 -1.29
C GLY E 143 -25.85 -17.86 -1.74
N GLY E 144 -25.02 -18.69 -1.13
CA GLY E 144 -24.98 -20.11 -1.43
C GLY E 144 -24.55 -20.50 -2.82
N VAL E 145 -25.17 -21.57 -3.35
CA VAL E 145 -24.90 -22.06 -4.71
C VAL E 145 -25.18 -21.04 -5.78
N LYS E 146 -26.24 -20.24 -5.62
CA LYS E 146 -26.52 -19.22 -6.62
C LYS E 146 -25.38 -18.17 -6.68
N ILE E 148 -22.19 -18.66 -5.81
CA ILE E 148 -21.00 -19.33 -6.37
C ILE E 148 -21.06 -19.50 -7.87
N LYS E 149 -22.24 -19.80 -8.44
CA LYS E 149 -22.39 -19.97 -9.86
C LYS E 149 -22.24 -18.62 -10.57
N ALA E 150 -22.80 -17.53 -10.00
CA ALA E 150 -22.62 -16.23 -10.64
C ALA E 150 -21.11 -15.86 -10.66
N LEU E 151 -20.39 -16.10 -9.57
CA LEU E 151 -18.94 -15.74 -9.50
C LEU E 151 -18.09 -16.55 -10.47
N LEU E 152 -18.46 -17.80 -10.75
CA LEU E 152 -17.76 -18.66 -11.71
C LEU E 152 -17.94 -18.23 -13.14
N GLY E 153 -18.86 -17.33 -13.47
CA GLY E 153 -18.93 -16.82 -14.86
C GLY E 153 -17.58 -16.22 -15.23
N PRO E 154 -17.15 -15.10 -14.60
CA PRO E 154 -15.91 -14.47 -14.92
C PRO E 154 -14.70 -15.16 -14.32
N TYR E 155 -14.86 -15.85 -13.21
CA TYR E 155 -13.77 -16.49 -12.50
C TYR E 155 -13.85 -18.02 -12.66
N ALA E 156 -13.82 -18.50 -13.90
CA ALA E 156 -14.05 -19.92 -14.21
C ALA E 156 -13.01 -20.89 -13.71
N GLN E 157 -11.75 -20.48 -13.50
CA GLN E 157 -10.82 -21.47 -13.00
C GLN E 157 -10.67 -21.43 -11.50
N LEU E 158 -11.44 -20.63 -10.72
CA LEU E 158 -11.27 -20.74 -9.26
C LEU E 158 -11.57 -22.16 -8.74
N GLN E 159 -10.83 -22.59 -7.73
CA GLN E 159 -11.08 -23.86 -7.03
C GLN E 159 -11.68 -23.48 -5.67
N ILE E 160 -12.83 -24.00 -5.27
CA ILE E 160 -13.51 -23.47 -4.05
C ILE E 160 -13.86 -24.47 -3.00
N PRO E 162 -16.30 -24.37 0.12
CA PRO E 162 -17.31 -23.73 0.93
C PRO E 162 -17.40 -24.23 2.35
N THR E 163 -17.61 -23.25 3.26
CA THR E 163 -17.86 -23.51 4.66
C THR E 163 -18.91 -22.48 5.14
N GLY E 164 -19.86 -22.95 5.92
CA GLY E 164 -20.89 -22.08 6.51
C GLY E 164 -22.29 -22.51 6.09
N GLY E 165 -23.03 -23.06 7.07
CA GLY E 165 -24.39 -23.50 6.77
C GLY E 165 -24.46 -24.75 5.93
N ILE E 166 -23.37 -25.53 5.81
CA ILE E 166 -23.47 -26.77 5.03
C ILE E 166 -23.90 -27.95 5.88
N GLY E 167 -24.83 -28.77 5.36
CA GLY E 167 -25.28 -29.97 6.10
C GLY E 167 -25.65 -31.08 5.12
N LEU E 168 -26.25 -32.17 5.63
CA LEU E 168 -26.66 -33.30 4.82
C LEU E 168 -27.65 -32.93 3.73
N HIS E 169 -28.54 -31.99 4.01
CA HIS E 169 -29.50 -31.54 3.03
C HIS E 169 -28.94 -30.73 1.88
N ASN E 170 -27.73 -30.11 1.98
CA ASN E 170 -27.35 -29.30 0.82
C ASN E 170 -25.98 -29.65 0.30
N ILE E 171 -25.27 -30.56 0.96
CA ILE E 171 -23.91 -30.89 0.57
C ILE E 171 -23.78 -31.41 -0.83
N ARG E 172 -24.75 -32.21 -1.30
CA ARG E 172 -24.70 -32.68 -2.69
C ARG E 172 -24.92 -31.53 -3.65
N ASP E 173 -25.67 -30.51 -3.28
CA ASP E 173 -25.88 -29.34 -4.16
C ASP E 173 -24.57 -28.59 -4.44
N TYR E 174 -23.73 -28.47 -3.41
CA TYR E 174 -22.45 -27.79 -3.64
C TYR E 174 -21.50 -28.66 -4.44
N LEU E 175 -21.37 -29.94 -4.00
CA LEU E 175 -20.49 -30.89 -4.67
C LEU E 175 -20.85 -31.13 -6.13
N ALA E 176 -22.12 -30.85 -6.54
CA ALA E 176 -22.42 -31.07 -7.96
C ALA E 176 -21.65 -30.09 -8.84
N ILE E 177 -21.28 -28.92 -8.32
CA ILE E 177 -20.50 -27.94 -9.11
C ILE E 177 -19.05 -28.42 -9.16
N PRO E 178 -18.51 -28.57 -10.35
CA PRO E 178 -17.19 -29.07 -10.60
C PRO E 178 -16.06 -28.33 -9.95
N ASN E 179 -16.09 -27.00 -9.94
CA ASN E 179 -15.02 -26.21 -9.33
C ASN E 179 -14.93 -26.43 -7.83
N ILE E 180 -15.99 -26.83 -7.17
CA ILE E 180 -16.03 -27.10 -5.77
C ILE E 180 -15.23 -28.34 -5.40
N VAL E 181 -14.16 -28.14 -4.63
CA VAL E 181 -13.25 -29.20 -4.26
C VAL E 181 -13.73 -30.03 -3.09
N ALA E 182 -14.14 -29.35 -2.02
CA ALA E 182 -14.55 -30.04 -0.80
C ALA E 182 -15.27 -29.04 0.10
N CYS E 183 -16.08 -29.51 1.02
CA CYS E 183 -16.85 -28.69 1.94
C CYS E 183 -16.42 -28.99 3.37
N GLY E 184 -16.50 -27.96 4.23
CA GLY E 184 -16.13 -28.14 5.62
C GLY E 184 -17.43 -28.11 6.44
N GLY E 185 -17.45 -28.91 7.50
CA GLY E 185 -18.61 -28.94 8.40
C GLY E 185 -18.20 -29.59 9.73
N SER E 186 -18.99 -29.36 10.77
CA SER E 186 -18.70 -30.01 12.05
C SER E 186 -19.86 -30.80 12.65
N TRP E 187 -21.03 -30.87 12.02
CA TRP E 187 -22.16 -31.64 12.61
C TRP E 187 -21.79 -33.07 12.96
N PHE E 188 -20.96 -33.73 12.15
CA PHE E 188 -20.58 -35.12 12.43
C PHE E 188 -19.43 -35.22 13.41
N VAL E 189 -18.83 -34.12 13.84
CA VAL E 189 -17.77 -34.17 14.83
C VAL E 189 -18.09 -33.17 15.94
N GLU E 190 -19.36 -33.03 16.25
CA GLU E 190 -19.84 -32.04 17.23
C GLU E 190 -19.07 -32.04 18.52
N LYS E 191 -18.80 -30.88 19.12
CA LYS E 191 -18.03 -30.81 20.35
C LYS E 191 -18.62 -31.69 21.46
N LYS E 192 -19.93 -31.71 21.65
CA LYS E 192 -20.54 -32.62 22.62
C LYS E 192 -19.98 -34.05 22.47
N LEU E 193 -20.20 -34.66 21.31
CA LEU E 193 -19.72 -36.02 21.07
C LEU E 193 -18.26 -36.22 21.41
N ILE E 194 -17.39 -35.28 21.02
CA ILE E 194 -15.97 -35.41 21.36
C ILE E 194 -15.78 -35.40 22.88
N GLN E 195 -16.53 -34.56 23.58
CA GLN E 195 -16.41 -34.43 25.01
C GLN E 195 -16.66 -35.72 25.77
N SER E 196 -17.79 -36.37 25.49
CA SER E 196 -18.18 -37.60 26.15
C SER E 196 -17.43 -38.81 25.56
N ASN E 197 -16.64 -38.57 24.54
CA ASN E 197 -15.84 -39.62 23.91
C ASN E 197 -16.75 -40.63 23.21
N ASN E 198 -17.88 -40.14 22.69
CA ASN E 198 -18.81 -41.02 21.97
C ASN E 198 -18.27 -41.38 20.60
N TRP E 199 -17.21 -42.17 20.56
CA TRP E 199 -16.57 -42.61 19.34
C TRP E 199 -17.52 -43.38 18.42
N ASP E 200 -18.48 -44.12 18.98
CA ASP E 200 -19.38 -44.87 18.10
C ASP E 200 -20.32 -43.97 17.32
N GLU E 201 -20.94 -43.00 17.97
CA GLU E 201 -21.88 -42.11 17.29
C GLU E 201 -21.18 -41.26 16.23
N ILE E 202 -20.00 -40.70 16.58
CA ILE E 202 -19.24 -39.90 15.62
C ILE E 202 -18.95 -40.75 14.40
N GLY E 203 -18.55 -42.00 14.63
CA GLY E 203 -18.25 -42.90 13.52
C GLY E 203 -19.50 -43.14 12.67
N ARG E 204 -20.68 -43.12 13.27
CA ARG E 204 -21.93 -43.31 12.56
C ARG E 204 -22.22 -42.11 11.66
N LEU E 205 -22.13 -40.91 12.23
CA LEU E 205 -22.36 -39.67 11.45
C LEU E 205 -21.36 -39.50 10.34
N VAL E 206 -20.12 -39.95 10.52
CA VAL E 206 -19.12 -39.84 9.45
C VAL E 206 -19.51 -40.75 8.30
N ARG E 207 -19.83 -42.01 8.60
CA ARG E 207 -20.27 -42.96 7.58
C ARG E 207 -21.49 -42.44 6.84
N GLU E 208 -22.42 -41.84 7.59
CA GLU E 208 -23.63 -41.29 7.01
C GLU E 208 -23.36 -40.21 5.97
N VAL E 209 -22.41 -39.27 6.25
CA VAL E 209 -22.18 -38.21 5.26
C VAL E 209 -21.45 -38.74 4.05
N ILE E 210 -20.47 -39.64 4.32
CA ILE E 210 -19.72 -40.28 3.26
C ILE E 210 -20.66 -41.05 2.31
N ASP E 211 -21.73 -41.66 2.87
CA ASP E 211 -22.66 -42.41 2.06
C ASP E 211 -23.51 -41.52 1.16
N ILE E 212 -24.07 -40.45 1.74
CA ILE E 212 -24.88 -39.52 0.96
C ILE E 212 -24.07 -38.91 -0.17
N ILE E 213 -22.79 -38.58 0.07
CA ILE E 213 -21.90 -38.04 -0.95
C ILE E 213 -21.67 -39.04 -2.06
N LYS E 214 -21.44 -40.29 -1.69
CA LYS E 214 -21.22 -41.36 -2.68
C LYS E 214 -22.54 -41.70 -3.39
N GLU E 215 -23.65 -41.70 -2.67
CA GLU E 215 -24.97 -41.98 -3.17
C GLU E 215 -25.53 -40.94 -4.14
N LEU F 3 -14.69 10.61 -32.60
CA LEU F 3 -13.76 9.47 -32.51
C LEU F 3 -13.32 9.09 -31.10
N SER F 4 -13.15 10.02 -30.17
CA SER F 4 -12.73 9.61 -28.81
C SER F 4 -13.62 10.17 -27.71
N TYR F 5 -14.11 9.39 -26.77
CA TYR F 5 -15.04 9.91 -25.75
C TYR F 5 -14.57 9.88 -24.31
N THR F 6 -14.84 10.92 -23.52
CA THR F 6 -14.50 10.91 -22.08
C THR F 6 -15.34 9.90 -21.36
N THR F 7 -14.97 9.47 -20.17
CA THR F 7 -15.81 8.52 -19.42
C THR F 7 -17.23 9.06 -19.28
N GLN F 8 -17.36 10.35 -18.86
CA GLN F 8 -18.71 10.87 -18.65
C GLN F 8 -19.50 10.93 -19.94
N GLN F 9 -18.99 11.26 -21.08
CA GLN F 9 -19.73 11.22 -22.37
C GLN F 9 -20.19 9.79 -22.69
N ILE F 10 -19.41 8.78 -22.27
CA ILE F 10 -19.86 7.36 -22.53
C ILE F 10 -21.03 7.05 -21.62
N ILE F 11 -20.91 7.37 -20.29
CA ILE F 11 -22.09 7.18 -19.41
C ILE F 11 -23.32 7.84 -19.99
N GLU F 12 -23.27 9.06 -20.59
CA GLU F 12 -24.52 9.63 -21.10
C GLU F 12 -25.03 8.86 -22.31
N LYS F 13 -24.10 8.40 -23.17
CA LYS F 13 -24.50 7.56 -24.31
C LYS F 13 -25.21 6.34 -23.83
N LEU F 14 -24.65 5.66 -22.81
CA LEU F 14 -25.30 4.46 -22.23
C LEU F 14 -26.65 4.77 -21.64
N ARG F 15 -26.82 5.95 -21.00
CA ARG F 15 -28.13 6.31 -20.39
C ARG F 15 -29.23 6.36 -21.41
N GLU F 16 -28.93 6.72 -22.67
CA GLU F 16 -29.90 6.72 -23.74
C GLU F 16 -30.20 5.32 -24.28
N LEU F 17 -29.19 4.44 -24.28
CA LEU F 17 -29.39 3.07 -24.80
C LEU F 17 -30.12 2.20 -23.81
N LYS F 18 -29.76 2.25 -22.52
CA LYS F 18 -30.40 1.51 -21.45
C LYS F 18 -30.13 0.05 -21.29
N ILE F 19 -29.81 -0.63 -22.45
CA ILE F 19 -29.52 -2.07 -22.37
C ILE F 19 -28.26 -2.35 -23.21
N VAL F 20 -27.28 -3.07 -22.66
CA VAL F 20 -26.02 -3.42 -23.34
C VAL F 20 -25.94 -4.92 -23.58
N PRO F 21 -25.79 -5.32 -24.83
CA PRO F 21 -25.58 -6.71 -25.20
C PRO F 21 -24.21 -7.18 -24.74
N VAL F 22 -24.08 -8.25 -24.02
CA VAL F 22 -22.81 -8.84 -23.57
C VAL F 22 -22.55 -10.06 -24.49
N ILE F 23 -21.51 -9.96 -25.33
CA ILE F 23 -21.38 -11.00 -26.41
C ILE F 23 -20.12 -11.83 -26.29
N ALA F 24 -20.34 -13.14 -26.27
CA ALA F 24 -19.23 -14.10 -26.27
C ALA F 24 -19.26 -14.85 -27.63
N LEU F 25 -18.11 -14.88 -28.31
CA LEU F 25 -18.20 -15.57 -29.61
C LEU F 25 -17.01 -16.45 -29.88
N ASP F 26 -17.20 -17.45 -30.76
CA ASP F 26 -16.09 -18.33 -31.16
C ASP F 26 -15.46 -17.91 -32.48
N ASN F 27 -16.19 -17.33 -33.40
CA ASN F 27 -15.71 -16.85 -34.65
C ASN F 27 -15.78 -15.31 -34.69
N ALA F 28 -14.62 -14.64 -34.76
CA ALA F 28 -14.60 -13.19 -34.76
C ALA F 28 -15.28 -12.60 -35.94
N ASP F 29 -15.33 -13.29 -37.10
CA ASP F 29 -16.01 -12.72 -38.28
C ASP F 29 -17.54 -12.65 -38.07
N ASP F 30 -18.06 -13.34 -37.09
CA ASP F 30 -19.51 -13.21 -36.83
C ASP F 30 -19.88 -11.84 -36.28
N ILE F 31 -18.91 -11.03 -35.82
CA ILE F 31 -19.30 -9.72 -35.22
C ILE F 31 -19.86 -8.81 -36.27
N LEU F 32 -19.59 -8.93 -37.57
CA LEU F 32 -20.12 -8.02 -38.58
C LEU F 32 -21.61 -8.18 -38.79
N PRO F 33 -22.15 -9.31 -39.24
CA PRO F 33 -23.60 -9.46 -39.36
C PRO F 33 -24.33 -9.25 -38.03
N LEU F 34 -23.81 -9.71 -36.89
CA LEU F 34 -24.39 -9.54 -35.60
C LEU F 34 -24.53 -8.05 -35.27
N ALA F 35 -23.48 -7.25 -35.49
CA ALA F 35 -23.58 -5.81 -35.24
C ALA F 35 -24.55 -5.12 -36.20
N ASP F 36 -24.64 -5.57 -37.45
CA ASP F 36 -25.61 -5.02 -38.38
C ASP F 36 -27.04 -5.29 -37.82
N THR F 37 -27.21 -6.44 -37.22
CA THR F 37 -28.54 -6.79 -36.68
C THR F 37 -28.89 -5.89 -35.48
N LEU F 38 -27.91 -5.68 -34.60
CA LEU F 38 -28.07 -4.85 -33.44
C LEU F 38 -28.41 -3.42 -33.86
N ALA F 39 -27.69 -2.92 -34.82
CA ALA F 39 -27.88 -1.52 -35.25
C ALA F 39 -29.19 -1.27 -35.97
N LYS F 40 -29.59 -2.22 -36.82
CA LYS F 40 -30.84 -2.10 -37.53
C LYS F 40 -32.04 -2.13 -36.54
N ASN F 41 -31.89 -2.81 -35.40
CA ASN F 41 -32.98 -2.85 -34.43
C ASN F 41 -32.83 -1.85 -33.29
N GLY F 42 -31.98 -0.82 -33.46
CA GLY F 42 -31.91 0.21 -32.48
C GLY F 42 -30.82 0.14 -31.45
N LEU F 43 -29.84 -0.77 -31.49
CA LEU F 43 -28.85 -0.81 -30.40
C LEU F 43 -27.40 -0.86 -30.89
N SER F 44 -26.81 0.27 -31.17
CA SER F 44 -25.42 0.39 -31.65
C SER F 44 -24.39 0.40 -30.55
N VAL F 45 -24.36 -0.65 -29.76
CA VAL F 45 -23.42 -0.78 -28.65
C VAL F 45 -23.20 -2.26 -28.34
N ALA F 46 -21.99 -2.59 -27.91
CA ALA F 46 -21.75 -3.98 -27.51
C ALA F 46 -20.63 -4.03 -26.48
N GLU F 47 -20.68 -5.00 -25.60
CA GLU F 47 -19.64 -5.31 -24.65
C GLU F 47 -19.09 -6.69 -25.11
N ILE F 48 -17.83 -6.73 -25.51
CA ILE F 48 -17.29 -8.01 -26.04
C ILE F 48 -16.41 -8.64 -24.99
N THR F 49 -16.80 -9.81 -24.49
CA THR F 49 -16.06 -10.46 -23.40
C THR F 49 -14.75 -11.07 -23.82
N PHE F 50 -13.70 -10.79 -23.03
CA PHE F 50 -12.38 -11.40 -23.21
C PHE F 50 -12.34 -12.83 -22.68
N ARG F 51 -13.45 -13.42 -22.25
CA ARG F 51 -13.49 -14.83 -21.91
C ARG F 51 -13.37 -15.60 -23.26
N SER F 52 -13.78 -14.93 -24.35
CA SER F 52 -13.65 -15.53 -25.68
C SER F 52 -12.30 -15.11 -26.24
N GLU F 53 -11.58 -16.08 -26.83
CA GLU F 53 -10.26 -15.78 -27.41
C GLU F 53 -10.40 -14.87 -28.62
N ALA F 54 -11.55 -14.90 -29.32
CA ALA F 54 -11.73 -14.05 -30.50
C ALA F 54 -12.04 -12.57 -30.24
N ALA F 55 -12.09 -12.13 -29.02
CA ALA F 55 -12.50 -10.76 -28.64
C ALA F 55 -11.73 -9.69 -29.28
N ALA F 56 -10.38 -9.70 -29.16
CA ALA F 56 -9.58 -8.62 -29.73
C ALA F 56 -9.76 -8.46 -31.23
N ASP F 57 -9.74 -9.61 -31.95
CA ASP F 57 -9.94 -9.56 -33.40
C ASP F 57 -11.33 -9.04 -33.71
N ALA F 58 -12.33 -9.45 -32.89
CA ALA F 58 -13.68 -8.96 -33.22
C ALA F 58 -13.85 -7.46 -33.00
N ILE F 59 -13.26 -6.96 -31.90
CA ILE F 59 -13.29 -5.49 -31.72
C ILE F 59 -12.63 -4.79 -32.88
N ARG F 60 -11.44 -5.22 -33.31
CA ARG F 60 -10.76 -4.63 -34.45
C ARG F 60 -11.55 -4.63 -35.75
N LEU F 61 -12.13 -5.76 -36.15
CA LEU F 61 -13.00 -5.77 -37.35
C LEU F 61 -14.20 -4.86 -37.20
N LEU F 62 -14.91 -4.91 -36.05
CA LEU F 62 -16.06 -4.02 -35.84
C LEU F 62 -15.65 -2.54 -35.91
N ARG F 63 -14.54 -2.14 -35.23
CA ARG F 63 -14.13 -0.72 -35.38
C ARG F 63 -13.95 -0.28 -36.81
N ALA F 64 -13.38 -1.11 -37.67
CA ALA F 64 -13.09 -0.82 -39.06
C ALA F 64 -14.32 -0.76 -39.95
N ASN F 65 -15.33 -1.59 -39.71
CA ASN F 65 -16.56 -1.57 -40.53
C ASN F 65 -17.57 -0.54 -40.03
N ARG F 66 -17.59 -0.28 -38.71
CA ARG F 66 -18.60 0.63 -38.14
C ARG F 66 -17.85 1.54 -37.14
N PRO F 67 -17.15 2.58 -37.65
CA PRO F 67 -16.24 3.36 -36.84
C PRO F 67 -16.92 4.14 -35.71
N ASP F 68 -18.22 4.36 -35.77
CA ASP F 68 -18.97 5.07 -34.74
C ASP F 68 -19.64 4.20 -33.70
N PHE F 69 -19.47 2.89 -33.77
CA PHE F 69 -20.10 1.99 -32.81
C PHE F 69 -19.51 2.16 -31.43
N LEU F 70 -20.31 2.01 -30.39
CA LEU F 70 -19.87 2.07 -29.00
C LEU F 70 -19.42 0.65 -28.60
N ILE F 71 -18.12 0.48 -28.35
CA ILE F 71 -17.60 -0.84 -28.04
C ILE F 71 -16.94 -0.94 -26.67
N ALA F 72 -17.31 -1.93 -25.84
CA ALA F 72 -16.59 -2.13 -24.59
C ALA F 72 -15.86 -3.47 -24.59
N ALA F 73 -14.72 -3.52 -23.91
CA ALA F 73 -14.02 -4.80 -23.72
C ALA F 73 -14.40 -5.25 -22.32
N GLY F 74 -15.03 -6.41 -22.13
CA GLY F 74 -15.48 -6.84 -20.82
C GLY F 74 -14.66 -7.98 -20.23
N THR F 75 -14.84 -8.25 -18.95
CA THR F 75 -14.14 -9.25 -18.18
C THR F 75 -12.63 -9.10 -18.37
N VAL F 76 -12.10 -7.90 -18.31
CA VAL F 76 -10.67 -7.56 -18.41
C VAL F 76 -10.02 -7.76 -17.05
N LEU F 77 -9.14 -8.75 -16.88
CA LEU F 77 -8.51 -9.01 -15.59
C LEU F 77 -7.00 -8.72 -15.54
N THR F 78 -6.35 -8.54 -16.65
CA THR F 78 -4.88 -8.34 -16.66
C THR F 78 -4.39 -7.14 -17.40
N ALA F 79 -3.10 -6.72 -17.09
CA ALA F 79 -2.50 -5.64 -17.85
C ALA F 79 -2.34 -5.87 -19.33
N GLU F 80 -1.98 -7.10 -19.76
CA GLU F 80 -1.93 -7.42 -21.18
C GLU F 80 -3.28 -7.24 -21.85
N GLN F 81 -4.39 -7.58 -21.18
CA GLN F 81 -5.70 -7.37 -21.75
C GLN F 81 -6.04 -5.89 -21.90
N VAL F 82 -5.67 -5.08 -20.88
CA VAL F 82 -5.92 -3.63 -21.03
C VAL F 82 -5.21 -3.12 -22.27
N VAL F 83 -3.90 -3.46 -22.41
CA VAL F 83 -3.12 -2.94 -23.55
C VAL F 83 -3.65 -3.34 -24.92
N LEU F 84 -4.05 -4.60 -25.02
CA LEU F 84 -4.63 -5.15 -26.26
C LEU F 84 -6.02 -4.60 -26.53
N ALA F 85 -6.80 -4.34 -25.47
CA ALA F 85 -8.12 -3.75 -25.67
C ALA F 85 -8.00 -2.35 -26.26
N LYS F 86 -7.00 -1.58 -25.77
CA LYS F 86 -6.87 -0.22 -26.33
C LYS F 86 -6.36 -0.22 -27.75
N SER F 87 -5.34 -1.02 -28.05
CA SER F 87 -4.80 -1.06 -29.42
C SER F 87 -5.83 -1.69 -30.38
N SER F 88 -6.79 -2.48 -29.89
CA SER F 88 -7.83 -3.02 -30.80
C SER F 88 -8.89 -2.01 -31.15
N GLY F 89 -9.10 -0.94 -30.36
CA GLY F 89 -10.08 0.07 -30.78
C GLY F 89 -11.28 0.19 -29.82
N ALA F 90 -11.27 -0.48 -28.68
CA ALA F 90 -12.42 -0.35 -27.76
C ALA F 90 -12.52 1.06 -27.16
N ASP F 91 -13.71 1.50 -26.89
CA ASP F 91 -13.98 2.78 -26.23
C ASP F 91 -13.77 2.70 -24.71
N PHE F 92 -14.10 1.62 -24.03
CA PHE F 92 -13.89 1.53 -22.60
C PHE F 92 -13.79 0.08 -22.10
N VAL F 93 -13.29 -0.11 -20.92
CA VAL F 93 -13.07 -1.36 -20.24
C VAL F 93 -14.16 -1.57 -19.17
N VAL F 94 -14.65 -2.79 -19.04
CA VAL F 94 -15.61 -3.21 -18.01
C VAL F 94 -14.97 -4.36 -17.25
N THR F 95 -15.00 -4.38 -15.93
CA THR F 95 -14.41 -5.44 -15.09
C THR F 95 -15.39 -5.94 -14.07
N PRO F 96 -15.32 -7.22 -13.66
CA PRO F 96 -16.29 -7.81 -12.76
C PRO F 96 -16.06 -7.30 -11.33
N GLY F 97 -14.82 -7.09 -10.94
CA GLY F 97 -14.41 -6.60 -9.62
C GLY F 97 -13.51 -5.35 -9.81
N LEU F 98 -12.89 -4.85 -8.76
CA LEU F 98 -12.05 -3.66 -8.79
C LEU F 98 -10.66 -4.01 -8.29
N ASN F 99 -9.68 -4.03 -9.20
CA ASN F 99 -8.28 -4.35 -8.93
C ASN F 99 -7.55 -3.04 -9.16
N PRO F 100 -7.19 -2.33 -8.06
CA PRO F 100 -6.56 -1.02 -8.12
C PRO F 100 -5.49 -0.88 -9.17
N LYS F 101 -4.65 -1.91 -9.42
CA LYS F 101 -3.62 -1.73 -10.44
C LYS F 101 -4.18 -1.66 -11.85
N ILE F 102 -5.26 -2.34 -12.19
CA ILE F 102 -5.89 -2.31 -13.52
C ILE F 102 -6.61 -0.98 -13.69
N VAL F 103 -7.36 -0.49 -12.65
CA VAL F 103 -7.98 0.86 -12.79
C VAL F 103 -6.89 1.91 -12.94
N LYS F 104 -5.84 1.85 -12.18
CA LYS F 104 -4.73 2.87 -12.29
C LYS F 104 -4.09 2.86 -13.65
N LEU F 105 -3.85 1.67 -14.26
CA LEU F 105 -3.23 1.65 -15.60
C LEU F 105 -4.11 2.23 -16.65
N CYS F 106 -5.46 1.96 -16.60
CA CYS F 106 -6.39 2.53 -17.56
C CYS F 106 -6.38 4.05 -17.40
N GLN F 107 -6.39 4.54 -16.13
CA GLN F 107 -6.35 5.99 -15.96
C GLN F 107 -5.03 6.56 -16.49
N ASP F 108 -3.90 5.86 -16.28
CA ASP F 108 -2.61 6.36 -16.80
C ASP F 108 -2.55 6.33 -18.32
N LEU F 109 -3.40 5.59 -19.03
CA LEU F 109 -3.46 5.54 -20.47
C LEU F 109 -4.61 6.32 -21.05
N ASN F 110 -5.25 7.16 -20.21
CA ASN F 110 -6.41 7.96 -20.60
C ASN F 110 -7.46 7.05 -21.23
N PHE F 111 -7.70 5.90 -20.61
CA PHE F 111 -8.66 4.91 -21.19
C PHE F 111 -9.83 4.68 -20.23
N PRO F 112 -11.03 5.09 -20.56
CA PRO F 112 -12.21 4.95 -19.69
C PRO F 112 -12.45 3.56 -19.13
N ILE F 113 -12.84 3.43 -17.86
CA ILE F 113 -13.08 2.16 -17.19
C ILE F 113 -14.27 2.23 -16.25
N THR F 114 -15.19 1.25 -16.32
CA THR F 114 -16.31 1.16 -15.34
C THR F 114 -16.09 -0.13 -14.55
N PRO F 115 -15.37 -0.13 -13.46
CA PRO F 115 -15.09 -1.32 -12.68
C PRO F 115 -16.30 -1.79 -11.86
N GLY F 116 -16.28 -3.04 -11.45
CA GLY F 116 -17.35 -3.68 -10.69
C GLY F 116 -17.20 -3.63 -9.19
N VAL F 117 -18.36 -3.44 -8.50
CA VAL F 117 -18.39 -3.39 -7.04
C VAL F 117 -19.67 -4.10 -6.53
N ASN F 118 -19.77 -4.59 -5.32
CA ASN F 118 -20.98 -5.10 -4.77
C ASN F 118 -21.15 -4.78 -3.28
N ASN F 119 -20.28 -3.98 -2.63
CA ASN F 119 -20.43 -3.62 -1.21
C ASN F 119 -19.85 -2.24 -0.93
N PRO F 120 -20.07 -1.68 0.27
CA PRO F 120 -19.52 -0.39 0.62
C PRO F 120 -18.02 -0.27 0.51
N ALA F 122 -15.79 -1.72 -1.50
CA ALA F 122 -15.40 -1.54 -2.87
C ALA F 122 -15.86 -0.20 -3.41
N ILE F 123 -17.04 0.29 -3.00
CA ILE F 123 -17.50 1.60 -3.49
C ILE F 123 -16.56 2.74 -3.04
N GLU F 124 -16.09 2.64 -1.78
CA GLU F 124 -15.19 3.66 -1.21
C GLU F 124 -13.84 3.68 -1.89
N ILE F 125 -13.36 2.51 -2.33
CA ILE F 125 -12.07 2.51 -3.11
C ILE F 125 -12.33 3.25 -4.41
N ALA F 126 -13.38 2.91 -5.15
CA ALA F 126 -13.71 3.64 -6.39
C ALA F 126 -13.74 5.14 -6.23
N LEU F 127 -14.57 5.64 -5.27
CA LEU F 127 -14.63 7.08 -4.98
C LEU F 127 -13.25 7.64 -4.68
N GLU F 128 -12.42 6.97 -3.89
CA GLU F 128 -11.08 7.45 -3.55
C GLU F 128 -10.20 7.52 -4.83
N GLY F 130 -11.43 8.42 -7.69
CA GLY F 130 -12.05 9.38 -8.62
C GLY F 130 -13.14 8.79 -9.52
N ILE F 131 -13.72 7.65 -9.19
CA ILE F 131 -14.75 7.06 -10.07
C ILE F 131 -16.11 7.09 -9.40
N SER F 132 -17.14 7.52 -10.12
CA SER F 132 -18.48 7.53 -9.66
C SER F 132 -19.36 6.63 -10.53
N ALA F 133 -18.86 6.15 -11.67
CA ALA F 133 -19.73 5.25 -12.47
C ALA F 133 -19.18 3.83 -12.41
N VAL F 134 -19.92 2.95 -11.75
CA VAL F 134 -19.59 1.61 -11.50
C VAL F 134 -20.53 0.53 -12.04
N LYS F 135 -19.93 -0.64 -12.32
CA LYS F 135 -20.74 -1.81 -12.71
C LYS F 135 -21.19 -2.46 -11.40
N PHE F 136 -22.45 -2.89 -11.22
CA PHE F 136 -22.84 -3.58 -9.99
C PHE F 136 -22.90 -5.07 -10.32
N PHE F 137 -22.13 -5.94 -9.71
CA PHE F 137 -22.11 -7.37 -10.09
C PHE F 137 -21.63 -8.22 -8.97
N PRO F 138 -22.17 -9.40 -8.72
CA PRO F 138 -23.31 -9.92 -9.47
C PRO F 138 -24.64 -9.36 -8.93
N ALA F 139 -25.45 -8.72 -9.80
CA ALA F 139 -26.59 -8.01 -9.28
C ALA F 139 -27.60 -8.80 -8.48
N GLU F 140 -28.31 -9.80 -9.05
CA GLU F 140 -29.28 -10.52 -8.32
C GLU F 140 -28.73 -11.28 -7.15
N ALA F 141 -27.59 -11.95 -7.27
CA ALA F 141 -27.07 -12.76 -6.18
C ALA F 141 -26.57 -11.88 -5.02
N SER F 142 -26.29 -10.60 -5.28
CA SER F 142 -25.79 -9.75 -4.16
C SER F 142 -26.94 -9.05 -3.45
N GLY F 143 -28.22 -9.27 -3.86
CA GLY F 143 -29.28 -8.53 -3.15
C GLY F 143 -30.17 -7.80 -4.14
N GLY F 144 -29.80 -7.69 -5.41
CA GLY F 144 -30.72 -7.06 -6.38
C GLY F 144 -31.07 -5.61 -6.16
N VAL F 145 -32.27 -5.20 -6.57
CA VAL F 145 -32.77 -3.83 -6.42
C VAL F 145 -32.78 -3.37 -4.96
N LYS F 146 -33.10 -4.23 -4.01
CA LYS F 146 -33.06 -3.94 -2.59
C LYS F 146 -31.65 -3.54 -2.09
N ILE F 148 -29.25 -2.35 -4.01
CA ILE F 148 -28.90 -1.08 -4.71
C ILE F 148 -29.55 0.09 -3.98
N LYS F 149 -30.87 0.00 -3.71
CA LYS F 149 -31.54 1.08 -2.96
C LYS F 149 -30.88 1.36 -1.63
N ALA F 150 -30.46 0.34 -0.87
CA ALA F 150 -29.83 0.61 0.43
C ALA F 150 -28.49 1.30 0.28
N LEU F 151 -27.76 0.95 -0.79
CA LEU F 151 -26.44 1.55 -1.05
C LEU F 151 -26.58 2.98 -1.53
N LEU F 152 -27.67 3.29 -2.27
CA LEU F 152 -27.88 4.67 -2.69
C LEU F 152 -28.30 5.60 -1.55
N GLY F 153 -28.55 5.14 -0.34
CA GLY F 153 -28.86 6.07 0.78
C GLY F 153 -27.66 6.98 1.04
N PRO F 154 -26.51 6.37 1.39
CA PRO F 154 -25.29 7.12 1.64
C PRO F 154 -24.55 7.50 0.39
N TYR F 155 -24.61 6.72 -0.70
CA TYR F 155 -23.80 7.07 -1.89
C TYR F 155 -24.73 7.57 -2.99
N ALA F 156 -25.45 8.65 -2.70
CA ALA F 156 -26.50 9.20 -3.52
C ALA F 156 -26.12 9.65 -4.91
N GLN F 157 -24.89 10.00 -5.21
CA GLN F 157 -24.51 10.38 -6.56
C GLN F 157 -23.91 9.25 -7.42
N LEU F 158 -23.81 8.03 -6.96
CA LEU F 158 -23.21 6.94 -7.76
C LEU F 158 -24.00 6.68 -9.03
N GLN F 159 -23.34 6.39 -10.15
CA GLN F 159 -24.07 6.03 -11.41
C GLN F 159 -23.87 4.52 -11.55
N ILE F 160 -24.90 3.72 -11.74
CA ILE F 160 -24.73 2.26 -11.63
C ILE F 160 -25.15 1.51 -12.90
N PRO F 162 -25.81 -2.37 -13.60
CA PRO F 162 -25.91 -3.73 -13.15
C PRO F 162 -25.86 -4.83 -14.21
N THR F 163 -25.31 -6.00 -13.83
CA THR F 163 -25.22 -7.14 -14.69
C THR F 163 -25.25 -8.32 -13.71
N GLY F 164 -26.01 -9.34 -14.08
CA GLY F 164 -26.02 -10.55 -13.22
C GLY F 164 -27.46 -10.92 -12.87
N GLY F 165 -28.02 -11.88 -13.63
CA GLY F 165 -29.39 -12.30 -13.29
C GLY F 165 -30.43 -11.35 -13.80
N ILE F 166 -30.13 -10.47 -14.73
CA ILE F 166 -31.19 -9.57 -15.24
C ILE F 166 -31.86 -10.28 -16.43
N GLY F 167 -33.16 -10.11 -16.58
CA GLY F 167 -34.00 -10.66 -17.61
C GLY F 167 -35.22 -9.78 -17.89
N LEU F 168 -36.11 -10.26 -18.78
CA LEU F 168 -37.34 -9.54 -19.07
C LEU F 168 -38.24 -9.36 -17.84
N HIS F 169 -38.27 -10.29 -16.91
CA HIS F 169 -39.09 -10.16 -15.71
C HIS F 169 -38.60 -9.11 -14.71
N ASN F 170 -37.36 -8.66 -14.74
CA ASN F 170 -36.91 -7.69 -13.72
C ASN F 170 -36.21 -6.48 -14.27
N ILE F 171 -36.00 -6.36 -15.58
CA ILE F 171 -35.27 -5.21 -16.11
C ILE F 171 -35.99 -3.91 -15.87
N ARG F 172 -37.32 -3.88 -15.89
CA ARG F 172 -38.02 -2.62 -15.57
C ARG F 172 -37.81 -2.21 -14.12
N ASP F 173 -37.65 -3.11 -13.17
CA ASP F 173 -37.43 -2.80 -11.75
C ASP F 173 -36.10 -2.12 -11.52
N TYR F 174 -35.04 -2.50 -12.23
CA TYR F 174 -33.75 -1.80 -12.13
C TYR F 174 -33.81 -0.43 -12.79
N LEU F 175 -34.38 -0.33 -14.00
CA LEU F 175 -34.43 0.92 -14.74
C LEU F 175 -35.33 1.98 -14.09
N ALA F 176 -36.23 1.56 -13.24
CA ALA F 176 -37.10 2.52 -12.51
C ALA F 176 -36.28 3.40 -11.56
N ILE F 177 -35.10 2.96 -11.12
CA ILE F 177 -34.19 3.72 -10.27
C ILE F 177 -33.37 4.69 -11.07
N PRO F 178 -33.55 6.01 -10.85
CA PRO F 178 -32.83 7.06 -11.53
C PRO F 178 -31.34 6.94 -11.55
N ASN F 179 -30.65 6.45 -10.52
CA ASN F 179 -29.18 6.34 -10.64
C ASN F 179 -28.76 5.16 -11.55
N ILE F 180 -29.67 4.29 -11.94
CA ILE F 180 -29.27 3.17 -12.86
C ILE F 180 -29.15 3.68 -14.26
N VAL F 181 -27.95 3.62 -14.84
CA VAL F 181 -27.71 4.07 -16.22
C VAL F 181 -28.15 3.08 -17.30
N ALA F 182 -27.79 1.81 -17.16
CA ALA F 182 -28.05 0.81 -18.20
C ALA F 182 -27.77 -0.57 -17.60
N CYS F 183 -28.44 -1.62 -18.08
CA CYS F 183 -28.15 -2.96 -17.51
C CYS F 183 -27.45 -3.80 -18.58
N GLY F 184 -26.73 -4.87 -18.20
CA GLY F 184 -26.13 -5.74 -19.28
C GLY F 184 -26.82 -7.09 -19.23
N GLY F 185 -26.89 -7.72 -20.43
CA GLY F 185 -27.49 -9.09 -20.47
C GLY F 185 -27.07 -9.82 -21.75
N SER F 186 -27.19 -11.15 -21.77
CA SER F 186 -26.85 -11.86 -23.04
C SER F 186 -27.98 -12.75 -23.56
N TRP F 187 -29.17 -12.77 -22.93
CA TRP F 187 -30.21 -13.67 -23.44
C TRP F 187 -30.68 -13.37 -24.84
N PHE F 188 -30.69 -12.13 -25.32
CA PHE F 188 -31.10 -11.73 -26.63
C PHE F 188 -29.96 -11.83 -27.65
N VAL F 189 -28.74 -12.15 -27.23
CA VAL F 189 -27.62 -12.36 -28.17
C VAL F 189 -26.94 -13.69 -27.78
N GLU F 190 -27.74 -14.66 -27.40
CA GLU F 190 -27.28 -15.98 -26.95
C GLU F 190 -26.25 -16.59 -27.90
N LYS F 191 -25.21 -17.22 -27.36
CA LYS F 191 -24.12 -17.75 -28.18
C LYS F 191 -24.56 -18.79 -29.17
N LYS F 192 -25.48 -19.68 -28.81
CA LYS F 192 -26.00 -20.68 -29.76
C LYS F 192 -26.68 -20.00 -30.94
N LEU F 193 -27.38 -18.88 -30.79
CA LEU F 193 -27.99 -18.18 -31.90
C LEU F 193 -26.91 -17.51 -32.78
N ILE F 194 -25.81 -17.04 -32.18
CA ILE F 194 -24.74 -16.46 -33.00
C ILE F 194 -24.08 -17.54 -33.89
N GLN F 195 -23.78 -18.70 -33.33
CA GLN F 195 -23.20 -19.83 -34.03
C GLN F 195 -24.06 -20.44 -35.12
N SER F 196 -25.36 -20.30 -35.04
CA SER F 196 -26.27 -20.79 -36.05
C SER F 196 -26.60 -19.68 -37.04
N ASN F 197 -25.96 -18.49 -36.83
CA ASN F 197 -26.19 -17.34 -37.70
C ASN F 197 -27.65 -17.01 -37.82
N ASN F 198 -28.43 -17.19 -36.74
CA ASN F 198 -29.87 -16.89 -36.74
C ASN F 198 -30.08 -15.41 -36.39
N TRP F 199 -29.87 -14.55 -37.39
CA TRP F 199 -29.95 -13.12 -37.20
C TRP F 199 -31.38 -12.65 -36.99
N ASP F 200 -32.33 -13.32 -37.66
CA ASP F 200 -33.72 -12.93 -37.51
C ASP F 200 -34.25 -13.12 -36.08
N GLU F 201 -33.95 -14.21 -35.40
CA GLU F 201 -34.34 -14.45 -34.02
C GLU F 201 -33.62 -13.51 -33.06
N ILE F 202 -32.36 -13.16 -33.31
CA ILE F 202 -31.67 -12.18 -32.42
C ILE F 202 -32.38 -10.84 -32.54
N GLY F 203 -32.78 -10.48 -33.77
CA GLY F 203 -33.49 -9.25 -34.06
C GLY F 203 -34.80 -9.20 -33.27
N ARG F 204 -35.56 -10.32 -33.27
CA ARG F 204 -36.82 -10.34 -32.51
C ARG F 204 -36.57 -10.19 -31.02
N LEU F 205 -35.59 -10.90 -30.46
CA LEU F 205 -35.29 -10.75 -29.04
C LEU F 205 -34.87 -9.34 -28.67
N VAL F 206 -34.08 -8.65 -29.47
CA VAL F 206 -33.64 -7.27 -29.23
C VAL F 206 -34.90 -6.36 -29.24
N ARG F 207 -35.74 -6.42 -30.26
CA ARG F 207 -37.00 -5.64 -30.27
C ARG F 207 -37.88 -5.97 -29.08
N GLU F 208 -37.99 -7.21 -28.63
CA GLU F 208 -38.81 -7.55 -27.46
C GLU F 208 -38.30 -6.79 -26.22
N VAL F 209 -37.00 -6.88 -25.88
CA VAL F 209 -36.48 -6.15 -24.70
C VAL F 209 -36.62 -4.69 -24.83
N ILE F 210 -36.38 -4.08 -25.98
CA ILE F 210 -36.53 -2.63 -26.15
C ILE F 210 -38.00 -2.22 -25.93
N ASP F 211 -38.96 -2.98 -26.45
CA ASP F 211 -40.37 -2.63 -26.27
C ASP F 211 -40.78 -2.69 -24.81
N ILE F 212 -40.37 -3.71 -24.05
CA ILE F 212 -40.74 -3.80 -22.65
C ILE F 212 -40.28 -2.58 -21.85
N ILE F 213 -39.11 -2.08 -22.15
CA ILE F 213 -38.52 -0.92 -21.46
C ILE F 213 -39.27 0.35 -21.79
N LYS F 214 -39.82 0.48 -23.00
CA LYS F 214 -40.52 1.69 -23.43
C LYS F 214 -42.01 1.59 -23.11
N GLU F 215 -42.44 0.42 -22.65
CA GLU F 215 -43.83 0.18 -22.32
C GLU F 215 -44.34 1.17 -21.28
#